data_8QEG
#
_entry.id   8QEG
#
_cell.length_a   72.604
_cell.length_b   102.533
_cell.length_c   154.002
_cell.angle_alpha   90.000
_cell.angle_beta   90.000
_cell.angle_gamma   90.000
#
_symmetry.space_group_name_H-M   'P 21 21 21'
#
loop_
_entity.id
_entity.type
_entity.pdbx_description
1 polymer 'Guanine nucleotide-binding protein subunit alpha-11'
2 polymer 'Guanine nucleotide-binding protein G(I)/G(S)/G(T) subunit beta-1'
3 polymer 'Guanine nucleotide-binding protein G(I)/G(S)/G(O) subunit gamma-2'
4 non-polymer "GUANOSINE-5'-DIPHOSPHATE"
5 non-polymer 1,2-ETHANEDIOL
6 non-polymer N-METHYL-ALPHA-BETA-DEHYDROALANINE
7 non-polymer '(2R)-2-hydroxy-3-phenylpropanoic acid'
8 non-polymer N-METHYLCARBONYLTHREONINE
9 non-polymer N,O-dimethyl-L-threonine
10 non-polymer '(2S,3R)-2-amino-3-hydroxy-4-methylpentanoic acid'
11 non-polymer N-methyl-L-alanine
12 non-polymer ALANINE
13 non-polymer 'ACETYL GROUP'
14 water water
#
loop_
_entity_poly.entity_id
_entity_poly.type
_entity_poly.pdbx_seq_one_letter_code
_entity_poly.pdbx_strand_id
1 'polypeptide(L)'
;GCTLSAEDKAAVERSKMIDRNLREDGEKARRELKLLLLGTGESGKSTFIKQMRIIHGAGYSEEDKRGFTKLVYQNIFTAM
QAMIRAMETLKILYKYEQNKANALLIREVDVEKVTTFEHQYVSAIKTLWEDPGIQECYDRRREYQLSDSAKYYLTDVDRI
ATLGYLPTQQDVLRVRVPTTGIIEYPFDLENIIFRMVDVGGQRSERRKWIHCFENVTSIMFLVALSEYDQVLVESDNENR
MEESKALFRTIITYPWFQNSSVILFLNKKDLLEDKILYSHLVDYFPEFDGPQRDAQAAREFILKMFVDLNPDSDKIIYSH
FTCATDTENIRFVFAAVKDTILQLNLKEYNLV
;
A
2 'polypeptide(L)'
;PGSSGSELDQLRQEAEQLKNQIRDARKACADATLSQITNNIDPVGRIQMRTRRTLRGHLAKIYAMHWGTDSRLLVSASQD
GKLIIWDSYTTNKVHAIPLRSSWVMTCAYAPSGNYVACGGLDNICSIYNLKTREGNVRVSRELAGHTGYLSCCRFLDDNQ
IVTSSGDTTCALWDIETGQQTTTFTGHTGDVMSLSLAPDTRLFVSGACDASAKLWDVREGMCRQTFTGHESDINAICFFP
NGNAFATGSDDATCRLFDLRADQELMTYSHDNIICGITSVSFSKSGRLLLAGYDDFNCNVWDALKADRAGVLAGHDNRVS
CLGVTDDGMAVATGSWDSFLKIWN
;
B
3 'polypeptide(L)' MASNNTASIAQARKLVEQLKMEANIDRIKVSKAAADLMAYCEAHAKEDPLLTPVPASENPFREKKFFSAIL G
#
# COMPACT_ATOMS: atom_id res chain seq x y z
N SER A 5 42.68 -3.08 15.96
CA SER A 5 42.04 -2.60 17.22
C SER A 5 40.97 -3.57 17.71
N ALA A 6 40.86 -3.78 19.03
CA ALA A 6 39.94 -4.78 19.56
C ALA A 6 38.48 -4.47 19.21
N GLU A 7 38.10 -3.19 19.32
CA GLU A 7 36.76 -2.75 19.01
C GLU A 7 36.50 -2.97 17.51
N ASP A 8 37.47 -2.62 16.64
CA ASP A 8 37.27 -2.84 15.21
C ASP A 8 37.04 -4.32 14.90
N LYS A 9 37.82 -5.18 15.58
CA LYS A 9 37.78 -6.62 15.36
C LYS A 9 36.43 -7.13 15.76
N ALA A 10 35.89 -6.64 16.87
CA ALA A 10 34.62 -7.10 17.37
C ALA A 10 33.48 -6.67 16.42
N ALA A 11 33.61 -5.49 15.81
CA ALA A 11 32.58 -5.03 14.85
C ALA A 11 32.63 -5.92 13.60
N VAL A 12 33.81 -6.33 13.18
CA VAL A 12 33.93 -7.23 12.03
C VAL A 12 33.26 -8.55 12.36
N GLU A 13 33.51 -9.10 13.55
CA GLU A 13 32.88 -10.37 13.95
C GLU A 13 31.38 -10.27 14.01
N ARG A 14 30.86 -9.16 14.56
N ARG A 14 30.89 -9.15 14.54
CA ARG A 14 29.44 -8.94 14.62
CA ARG A 14 29.46 -8.90 14.64
C ARG A 14 28.85 -8.94 13.20
C ARG A 14 28.85 -8.90 13.23
N SER A 15 29.52 -8.28 12.25
CA SER A 15 29.06 -8.24 10.87
C SER A 15 28.99 -9.66 10.26
N LYS A 16 29.99 -10.47 10.58
CA LYS A 16 30.07 -11.79 9.98
C LYS A 16 29.05 -12.70 10.60
N MET A 17 28.74 -12.52 11.90
CA MET A 17 27.64 -13.24 12.52
C MET A 17 26.28 -12.89 11.88
N ILE A 18 26.06 -11.60 11.57
CA ILE A 18 24.88 -11.18 10.85
C ILE A 18 24.86 -11.85 9.46
N ASP A 19 25.98 -11.86 8.74
CA ASP A 19 26.04 -12.50 7.41
C ASP A 19 25.61 -13.97 7.53
N ARG A 20 26.07 -14.65 8.60
CA ARG A 20 25.65 -16.03 8.84
C ARG A 20 24.14 -16.15 8.98
N ASN A 21 23.52 -15.27 9.78
CA ASN A 21 22.09 -15.30 10.02
C ASN A 21 21.34 -15.02 8.71
N LEU A 22 21.88 -14.08 7.90
CA LEU A 22 21.18 -13.72 6.66
C LEU A 22 21.29 -14.88 5.66
N ARG A 23 22.41 -15.58 5.65
CA ARG A 23 22.57 -16.77 4.81
C ARG A 23 21.55 -17.83 5.22
N GLU A 24 21.43 -18.07 6.53
CA GLU A 24 20.50 -19.07 7.04
C GLU A 24 19.06 -18.69 6.66
N ASP A 25 18.72 -17.39 6.82
CA ASP A 25 17.39 -16.96 6.47
C ASP A 25 17.16 -17.08 4.96
N GLY A 26 18.19 -16.79 4.16
CA GLY A 26 18.13 -16.97 2.72
C GLY A 26 17.87 -18.42 2.30
N GLU A 27 18.49 -19.37 2.99
CA GLU A 27 18.25 -20.78 2.69
C GLU A 27 16.75 -21.08 2.95
N LYS A 28 16.24 -20.59 4.06
CA LYS A 28 14.85 -20.82 4.41
C LYS A 28 13.89 -20.18 3.40
N ALA A 29 14.23 -18.95 2.99
CA ALA A 29 13.44 -18.20 2.02
C ALA A 29 13.31 -18.96 0.70
N ARG A 30 14.31 -19.73 0.33
CA ARG A 30 14.21 -20.49 -0.90
C ARG A 30 13.30 -21.70 -0.78
N ARG A 31 12.86 -22.02 0.45
N ARG A 31 12.88 -22.04 0.46
CA ARG A 31 11.91 -23.09 0.67
CA ARG A 31 11.89 -23.08 0.69
C ARG A 31 10.49 -22.52 0.64
C ARG A 31 10.52 -22.46 0.92
N GLU A 32 10.35 -21.19 0.53
CA GLU A 32 9.03 -20.55 0.65
C GLU A 32 8.41 -20.38 -0.72
N LEU A 33 7.12 -20.64 -0.83
CA LEU A 33 6.39 -20.41 -2.05
C LEU A 33 5.25 -19.46 -1.72
N LYS A 34 5.14 -18.37 -2.50
CA LYS A 34 4.07 -17.40 -2.30
C LYS A 34 2.91 -17.75 -3.21
N LEU A 35 1.71 -17.92 -2.60
CA LEU A 35 0.48 -18.18 -3.34
C LEU A 35 -0.40 -16.94 -3.19
N LEU A 36 -0.54 -16.18 -4.27
CA LEU A 36 -1.33 -14.95 -4.21
C LEU A 36 -2.76 -15.27 -4.62
N LEU A 37 -3.68 -15.15 -3.66
N LEU A 37 -3.68 -15.13 -3.66
CA LEU A 37 -5.10 -15.30 -3.93
CA LEU A 37 -5.10 -15.28 -3.90
C LEU A 37 -5.65 -14.02 -4.52
C LEU A 37 -5.63 -14.00 -4.54
N LEU A 38 -6.37 -14.13 -5.63
CA LEU A 38 -7.03 -12.98 -6.26
C LEU A 38 -8.45 -13.38 -6.63
N GLY A 39 -9.26 -12.38 -6.94
CA GLY A 39 -10.67 -12.58 -7.21
C GLY A 39 -11.48 -11.50 -6.53
N THR A 40 -12.66 -11.24 -7.08
CA THR A 40 -13.50 -10.18 -6.56
C THR A 40 -13.93 -10.47 -5.12
N GLY A 41 -14.49 -9.44 -4.47
CA GLY A 41 -15.05 -9.67 -3.15
C GLY A 41 -16.12 -10.77 -3.16
N GLU A 42 -16.14 -11.53 -2.06
CA GLU A 42 -17.11 -12.59 -1.77
C GLU A 42 -16.81 -13.84 -2.61
N SER A 43 -15.66 -13.92 -3.31
CA SER A 43 -15.40 -15.05 -4.18
C SER A 43 -14.92 -16.30 -3.43
N GLY A 44 -14.41 -16.14 -2.20
CA GLY A 44 -13.99 -17.19 -1.32
C GLY A 44 -12.54 -17.13 -0.79
N LYS A 45 -11.83 -16.01 -0.98
CA LYS A 45 -10.41 -15.95 -0.67
C LYS A 45 -10.16 -16.18 0.83
N SER A 46 -10.87 -15.41 1.67
CA SER A 46 -10.59 -15.50 3.08
C SER A 46 -10.99 -16.87 3.62
N THR A 47 -12.08 -17.47 3.09
CA THR A 47 -12.52 -18.79 3.52
C THR A 47 -11.44 -19.81 3.19
N PHE A 48 -10.86 -19.72 1.99
CA PHE A 48 -9.79 -20.62 1.58
C PHE A 48 -8.62 -20.53 2.56
N ILE A 49 -8.21 -19.31 2.96
CA ILE A 49 -7.12 -19.16 3.94
C ILE A 49 -7.45 -19.86 5.26
N LYS A 50 -8.66 -19.66 5.75
CA LYS A 50 -9.06 -20.29 7.01
C LYS A 50 -9.01 -21.81 6.89
N GLN A 51 -9.42 -22.37 5.72
CA GLN A 51 -9.31 -23.81 5.50
C GLN A 51 -7.87 -24.28 5.53
N MET A 52 -6.92 -23.46 5.03
CA MET A 52 -5.53 -23.88 5.11
C MET A 52 -5.08 -23.96 6.57
N ARG A 53 -5.53 -23.04 7.42
CA ARG A 53 -5.21 -23.12 8.84
C ARG A 53 -5.84 -24.35 9.51
N ILE A 54 -7.09 -24.73 9.13
CA ILE A 54 -7.70 -25.95 9.62
C ILE A 54 -6.96 -27.20 9.14
N ILE A 55 -6.62 -27.24 7.85
CA ILE A 55 -6.10 -28.47 7.24
C ILE A 55 -4.63 -28.67 7.54
N HIS A 56 -3.83 -27.60 7.47
CA HIS A 56 -2.38 -27.69 7.49
C HIS A 56 -1.77 -26.85 8.59
N GLY A 57 -2.59 -26.15 9.37
CA GLY A 57 -2.08 -25.24 10.40
C GLY A 57 -2.58 -25.63 11.79
N ALA A 58 -2.64 -24.65 12.69
CA ALA A 58 -2.97 -24.87 14.09
C ALA A 58 -4.47 -25.03 14.35
N GLY A 59 -5.29 -24.88 13.31
CA GLY A 59 -6.73 -24.92 13.53
C GLY A 59 -7.22 -23.81 14.47
N TYR A 60 -8.44 -24.02 15.01
CA TYR A 60 -9.10 -23.02 15.84
C TYR A 60 -9.46 -23.65 17.19
N SER A 61 -8.73 -23.22 18.21
CA SER A 61 -9.01 -23.60 19.57
C SER A 61 -10.25 -22.88 20.08
N GLU A 62 -10.67 -23.22 21.31
CA GLU A 62 -11.78 -22.53 21.96
CA GLU A 62 -11.80 -22.53 21.92
C GLU A 62 -11.43 -21.06 22.14
N GLU A 63 -10.19 -20.79 22.58
CA GLU A 63 -9.76 -19.42 22.76
C GLU A 63 -9.72 -18.67 21.43
N ASP A 64 -9.26 -19.32 20.34
CA ASP A 64 -9.27 -18.70 19.02
C ASP A 64 -10.71 -18.31 18.62
N LYS A 65 -11.64 -19.24 18.83
CA LYS A 65 -13.03 -19.07 18.45
C LYS A 65 -13.60 -17.84 19.16
N ARG A 66 -13.21 -17.61 20.42
CA ARG A 66 -13.73 -16.47 21.18
CA ARG A 66 -13.72 -16.48 21.19
C ARG A 66 -13.31 -15.15 20.54
N GLY A 67 -12.16 -15.14 19.82
CA GLY A 67 -11.71 -13.94 19.16
C GLY A 67 -12.59 -13.55 17.97
N PHE A 68 -13.47 -14.48 17.51
CA PHE A 68 -14.31 -14.18 16.37
C PHE A 68 -15.73 -13.78 16.80
N THR A 69 -16.03 -13.87 18.08
CA THR A 69 -17.41 -13.70 18.56
C THR A 69 -18.02 -12.37 18.10
N LYS A 70 -17.36 -11.23 18.34
CA LYS A 70 -17.97 -9.96 17.98
C LYS A 70 -18.10 -9.82 16.47
N LEU A 71 -17.22 -10.51 15.73
CA LEU A 71 -17.30 -10.44 14.27
C LEU A 71 -18.56 -11.14 13.77
N VAL A 72 -19.01 -12.21 14.45
CA VAL A 72 -20.25 -12.85 14.06
C VAL A 72 -21.41 -11.87 14.29
N TYR A 73 -21.42 -11.17 15.44
CA TYR A 73 -22.45 -10.17 15.69
C TYR A 73 -22.44 -9.13 14.57
N GLN A 74 -21.23 -8.69 14.18
CA GLN A 74 -21.07 -7.69 13.14
C GLN A 74 -21.61 -8.18 11.80
N ASN A 75 -21.42 -9.46 11.46
CA ASN A 75 -21.93 -9.99 10.20
C ASN A 75 -23.45 -9.93 10.17
N ILE A 76 -24.10 -10.21 11.31
CA ILE A 76 -25.56 -10.16 11.38
C ILE A 76 -26.05 -8.73 11.12
N PHE A 77 -25.41 -7.77 11.78
CA PHE A 77 -25.78 -6.39 11.59
C PHE A 77 -25.56 -5.92 10.14
N THR A 78 -24.43 -6.30 9.54
N THR A 78 -24.42 -6.26 9.56
CA THR A 78 -24.11 -5.88 8.18
CA THR A 78 -24.15 -5.88 8.18
C THR A 78 -25.11 -6.49 7.19
C THR A 78 -25.18 -6.47 7.22
N ALA A 79 -25.49 -7.75 7.41
CA ALA A 79 -26.46 -8.40 6.54
C ALA A 79 -27.81 -7.72 6.64
N MET A 80 -28.29 -7.44 7.87
CA MET A 80 -29.59 -6.83 8.00
C MET A 80 -29.56 -5.38 7.48
N GLN A 81 -28.46 -4.66 7.68
CA GLN A 81 -28.36 -3.30 7.15
C GLN A 81 -28.48 -3.32 5.61
N ALA A 82 -27.92 -4.34 4.96
CA ALA A 82 -27.97 -4.45 3.49
C ALA A 82 -29.40 -4.67 3.03
N MET A 83 -30.15 -5.51 3.76
CA MET A 83 -31.54 -5.76 3.42
C MET A 83 -32.40 -4.52 3.68
N ILE A 84 -32.16 -3.80 4.79
CA ILE A 84 -32.89 -2.57 5.09
C ILE A 84 -32.68 -1.56 3.96
N ARG A 85 -31.44 -1.44 3.47
CA ARG A 85 -31.11 -0.53 2.37
C ARG A 85 -31.84 -0.97 1.10
N ALA A 86 -31.85 -2.27 0.83
CA ALA A 86 -32.55 -2.80 -0.35
C ALA A 86 -34.07 -2.62 -0.30
N MET A 87 -34.70 -2.65 0.90
CA MET A 87 -36.10 -2.37 0.96
C MET A 87 -36.34 -0.98 0.37
N GLU A 88 -35.48 -0.03 0.69
CA GLU A 88 -35.61 1.32 0.15
C GLU A 88 -35.34 1.34 -1.37
N THR A 89 -34.18 0.77 -1.76
N THR A 89 -34.24 0.73 -1.82
CA THR A 89 -33.74 0.73 -3.15
CA THR A 89 -33.84 0.86 -3.21
C THR A 89 -34.83 0.12 -4.03
C THR A 89 -34.79 0.07 -4.13
N LEU A 90 -35.34 -1.05 -3.65
CA LEU A 90 -36.31 -1.81 -4.43
C LEU A 90 -37.76 -1.38 -4.18
N LYS A 91 -37.97 -0.40 -3.28
CA LYS A 91 -39.30 0.03 -2.89
C LYS A 91 -40.17 -1.16 -2.47
N ILE A 92 -39.74 -1.90 -1.44
CA ILE A 92 -40.53 -2.97 -0.87
C ILE A 92 -41.04 -2.48 0.50
N LEU A 93 -42.31 -2.76 0.79
CA LEU A 93 -42.92 -2.25 2.03
C LEU A 93 -42.72 -3.31 3.12
N TYR A 94 -42.51 -2.85 4.38
CA TYR A 94 -42.59 -3.73 5.55
C TYR A 94 -44.04 -4.00 5.91
N LYS A 95 -44.32 -5.23 6.33
CA LYS A 95 -45.64 -5.61 6.79
C LYS A 95 -45.94 -5.00 8.16
N TYR A 96 -44.93 -4.88 9.04
CA TYR A 96 -45.19 -4.60 10.44
C TYR A 96 -44.73 -3.19 10.77
N GLU A 97 -45.59 -2.41 11.42
CA GLU A 97 -45.33 -1.00 11.65
C GLU A 97 -44.16 -0.83 12.60
N GLN A 98 -43.97 -1.77 13.55
CA GLN A 98 -42.87 -1.61 14.47
C GLN A 98 -41.55 -1.67 13.69
N ASN A 99 -41.58 -2.32 12.53
CA ASN A 99 -40.33 -2.53 11.79
C ASN A 99 -39.74 -1.24 11.22
N LYS A 100 -40.51 -0.14 11.17
CA LYS A 100 -39.94 1.14 10.84
C LYS A 100 -38.94 1.51 11.93
N ALA A 101 -39.36 1.36 13.16
CA ALA A 101 -38.47 1.64 14.28
C ALA A 101 -37.39 0.58 14.39
N ASN A 102 -37.71 -0.69 14.13
CA ASN A 102 -36.68 -1.72 14.27
C ASN A 102 -35.60 -1.47 13.21
N ALA A 103 -36.04 -1.16 11.99
CA ALA A 103 -35.09 -0.88 10.90
C ALA A 103 -34.21 0.34 11.23
N LEU A 104 -34.80 1.40 11.78
CA LEU A 104 -34.03 2.57 12.16
C LEU A 104 -32.99 2.20 13.20
N LEU A 105 -33.39 1.44 14.22
CA LEU A 105 -32.42 0.98 15.22
C LEU A 105 -31.23 0.24 14.58
N ILE A 106 -31.52 -0.67 13.65
CA ILE A 106 -30.48 -1.50 13.10
C ILE A 106 -29.64 -0.64 12.13
N ARG A 107 -30.32 0.22 11.39
CA ARG A 107 -29.65 1.08 10.39
C ARG A 107 -28.59 1.94 11.06
N GLU A 108 -28.84 2.38 12.28
CA GLU A 108 -27.92 3.28 12.96
C GLU A 108 -26.85 2.55 13.77
N VAL A 109 -26.79 1.22 13.75
CA VAL A 109 -25.71 0.57 14.46
C VAL A 109 -24.37 0.93 13.81
N ASP A 110 -23.40 1.35 14.64
CA ASP A 110 -22.00 1.46 14.24
C ASP A 110 -21.32 0.08 14.32
N VAL A 111 -21.19 -0.57 13.17
CA VAL A 111 -20.80 -1.97 13.14
C VAL A 111 -19.42 -2.18 13.75
N GLU A 112 -18.50 -1.25 13.49
CA GLU A 112 -17.13 -1.42 13.93
C GLU A 112 -17.03 -1.34 15.46
N LYS A 113 -17.99 -0.68 16.14
CA LYS A 113 -17.95 -0.58 17.59
C LYS A 113 -18.79 -1.69 18.24
N VAL A 114 -19.37 -2.64 17.49
CA VAL A 114 -20.14 -3.73 18.09
C VAL A 114 -19.23 -4.71 18.82
N THR A 115 -19.49 -4.91 20.13
CA THR A 115 -18.81 -5.90 20.94
C THR A 115 -19.80 -6.82 21.65
N THR A 116 -21.08 -6.47 21.63
CA THR A 116 -22.12 -7.22 22.33
C THR A 116 -23.31 -7.41 21.40
N PHE A 117 -24.26 -8.26 21.81
CA PHE A 117 -25.43 -8.53 21.01
C PHE A 117 -26.62 -8.48 21.94
N GLU A 118 -27.01 -7.27 22.35
N GLU A 118 -27.02 -7.25 22.28
CA GLU A 118 -27.95 -7.08 23.44
CA GLU A 118 -27.99 -6.98 23.34
C GLU A 118 -29.37 -7.35 22.96
C GLU A 118 -29.40 -7.38 22.92
N HIS A 119 -30.23 -7.70 23.91
CA HIS A 119 -31.54 -8.28 23.64
C HIS A 119 -32.43 -7.41 22.73
N GLN A 120 -32.43 -6.07 22.90
N GLN A 120 -32.44 -6.07 22.91
CA GLN A 120 -33.33 -5.25 22.09
CA GLN A 120 -33.28 -5.19 22.11
C GLN A 120 -32.90 -5.30 20.62
C GLN A 120 -32.90 -5.30 20.63
N TYR A 121 -31.59 -5.40 20.37
CA TYR A 121 -31.07 -5.51 19.01
C TYR A 121 -31.38 -6.89 18.44
N VAL A 122 -31.26 -7.95 19.26
CA VAL A 122 -31.58 -9.28 18.76
C VAL A 122 -33.07 -9.33 18.35
N SER A 123 -33.91 -8.77 19.22
CA SER A 123 -35.34 -8.75 18.98
C SER A 123 -35.67 -8.00 17.68
N ALA A 124 -35.05 -6.83 17.51
CA ALA A 124 -35.21 -6.07 16.26
C ALA A 124 -34.83 -6.89 15.02
N ILE A 125 -33.69 -7.59 15.08
N ILE A 125 -33.66 -7.56 15.07
CA ILE A 125 -33.21 -8.35 13.96
CA ILE A 125 -33.15 -8.38 13.99
C ILE A 125 -34.16 -9.50 13.64
C ILE A 125 -34.19 -9.47 13.66
N LYS A 126 -34.65 -10.21 14.69
CA LYS A 126 -35.57 -11.31 14.44
C LYS A 126 -36.90 -10.83 13.88
N THR A 127 -37.41 -9.70 14.35
CA THR A 127 -38.69 -9.18 13.92
C THR A 127 -38.58 -8.70 12.48
N LEU A 128 -37.44 -8.13 12.12
CA LEU A 128 -37.21 -7.71 10.74
C LEU A 128 -37.14 -8.93 9.84
N TRP A 129 -36.35 -9.94 10.26
CA TRP A 129 -36.14 -11.12 9.48
C TRP A 129 -37.44 -11.86 9.21
N GLU A 130 -38.41 -11.84 10.14
CA GLU A 130 -39.62 -12.56 9.84
C GLU A 130 -40.63 -11.72 9.05
N ASP A 131 -40.39 -10.42 8.87
CA ASP A 131 -41.31 -9.58 8.11
C ASP A 131 -41.39 -10.10 6.68
N PRO A 132 -42.58 -10.46 6.17
CA PRO A 132 -42.72 -10.91 4.77
C PRO A 132 -42.09 -9.99 3.72
N GLY A 133 -42.03 -8.69 4.00
CA GLY A 133 -41.38 -7.74 3.13
C GLY A 133 -39.86 -7.94 3.07
N ILE A 134 -39.25 -8.16 4.25
CA ILE A 134 -37.84 -8.50 4.28
C ILE A 134 -37.59 -9.84 3.60
N GLN A 135 -38.54 -10.78 3.71
CA GLN A 135 -38.37 -12.08 3.07
C GLN A 135 -38.44 -11.95 1.54
N GLU A 136 -39.29 -11.05 1.08
CA GLU A 136 -39.34 -10.72 -0.35
C GLU A 136 -38.02 -10.14 -0.81
N CYS A 137 -37.48 -9.21 -0.02
CA CYS A 137 -36.22 -8.59 -0.32
C CYS A 137 -35.13 -9.64 -0.34
N TYR A 138 -35.13 -10.58 0.62
CA TYR A 138 -34.11 -11.62 0.65
C TYR A 138 -34.18 -12.47 -0.62
N ASP A 139 -35.41 -12.80 -1.02
CA ASP A 139 -35.63 -13.60 -2.22
C ASP A 139 -35.16 -12.88 -3.48
N ARG A 140 -35.03 -11.53 -3.43
CA ARG A 140 -34.57 -10.77 -4.56
C ARG A 140 -33.09 -10.37 -4.42
N ARG A 141 -32.32 -11.10 -3.62
CA ARG A 141 -30.93 -10.75 -3.35
C ARG A 141 -30.06 -10.76 -4.62
N ARG A 142 -30.47 -11.51 -5.65
CA ARG A 142 -29.84 -11.43 -6.98
C ARG A 142 -29.67 -9.97 -7.40
N GLU A 143 -30.58 -9.07 -6.97
CA GLU A 143 -30.64 -7.71 -7.45
C GLU A 143 -29.78 -6.74 -6.64
N TYR A 144 -29.12 -7.18 -5.56
CA TYR A 144 -28.26 -6.28 -4.77
C TYR A 144 -27.10 -7.13 -4.25
N GLN A 145 -26.37 -6.63 -3.23
N GLN A 145 -26.38 -6.65 -3.21
CA GLN A 145 -25.27 -7.36 -2.61
CA GLN A 145 -25.27 -7.40 -2.65
C GLN A 145 -25.62 -7.83 -1.19
C GLN A 145 -25.57 -7.83 -1.21
N LEU A 146 -25.76 -9.15 -1.02
CA LEU A 146 -25.98 -9.71 0.30
C LEU A 146 -25.02 -10.87 0.48
N SER A 147 -24.34 -10.92 1.62
CA SER A 147 -23.53 -12.06 1.96
C SER A 147 -24.26 -13.36 1.72
N ASP A 148 -23.54 -14.37 1.16
CA ASP A 148 -24.03 -15.74 1.01
C ASP A 148 -24.14 -16.49 2.34
N SER A 149 -23.67 -15.90 3.45
CA SER A 149 -23.81 -16.47 4.78
C SER A 149 -24.85 -15.71 5.61
N ALA A 150 -25.52 -14.71 5.05
CA ALA A 150 -26.53 -13.95 5.80
C ALA A 150 -27.61 -14.88 6.37
N LYS A 151 -28.20 -15.71 5.49
N LYS A 151 -28.20 -15.70 5.49
CA LYS A 151 -29.29 -16.56 5.92
CA LYS A 151 -29.28 -16.58 5.90
C LYS A 151 -28.82 -17.54 6.98
C LYS A 151 -28.82 -17.54 6.98
N TYR A 152 -27.61 -18.08 6.83
CA TYR A 152 -26.99 -18.93 7.82
C TYR A 152 -27.02 -18.28 9.22
N TYR A 153 -26.47 -17.08 9.34
CA TYR A 153 -26.39 -16.46 10.66
C TYR A 153 -27.75 -16.06 11.18
N LEU A 154 -28.64 -15.58 10.29
CA LEU A 154 -29.94 -15.12 10.77
C LEU A 154 -30.78 -16.30 11.21
N THR A 155 -30.63 -17.45 10.54
CA THR A 155 -31.31 -18.68 10.94
C THR A 155 -30.87 -19.11 12.33
N ASP A 156 -29.59 -18.87 12.66
CA ASP A 156 -28.99 -19.32 13.91
C ASP A 156 -28.90 -18.20 14.94
N VAL A 157 -29.71 -17.15 14.80
CA VAL A 157 -29.59 -16.00 15.66
C VAL A 157 -29.80 -16.38 17.12
N ASP A 158 -30.70 -17.31 17.42
CA ASP A 158 -30.95 -17.61 18.82
C ASP A 158 -29.71 -18.21 19.50
N ARG A 159 -29.05 -19.15 18.81
CA ARG A 159 -27.80 -19.75 19.30
C ARG A 159 -26.76 -18.66 19.54
N ILE A 160 -26.61 -17.75 18.57
CA ILE A 160 -25.61 -16.70 18.63
C ILE A 160 -25.89 -15.71 19.76
N ALA A 161 -27.17 -15.51 20.13
CA ALA A 161 -27.56 -14.58 21.17
C ALA A 161 -27.54 -15.21 22.57
N THR A 162 -27.30 -16.51 22.65
CA THR A 162 -27.39 -17.20 23.93
C THR A 162 -26.17 -16.87 24.79
N LEU A 163 -26.40 -16.68 26.11
CA LEU A 163 -25.33 -16.35 27.02
C LEU A 163 -24.32 -17.49 26.94
N GLY A 164 -23.06 -17.14 26.75
CA GLY A 164 -22.01 -18.15 26.69
C GLY A 164 -21.70 -18.58 25.26
N TYR A 165 -22.39 -18.02 24.25
CA TYR A 165 -22.16 -18.37 22.86
C TYR A 165 -20.66 -18.44 22.58
N LEU A 166 -20.27 -19.54 21.90
CA LEU A 166 -18.92 -19.75 21.41
C LEU A 166 -19.02 -20.13 19.95
N PRO A 167 -18.41 -19.36 19.04
CA PRO A 167 -18.50 -19.65 17.61
C PRO A 167 -18.06 -21.08 17.32
N THR A 168 -18.79 -21.72 16.40
CA THR A 168 -18.42 -23.01 15.85
C THR A 168 -17.37 -22.78 14.76
N GLN A 169 -16.74 -23.87 14.33
CA GLN A 169 -15.80 -23.77 13.20
C GLN A 169 -16.51 -23.26 11.95
N GLN A 170 -17.76 -23.68 11.72
CA GLN A 170 -18.52 -23.18 10.58
C GLN A 170 -18.72 -21.67 10.72
N ASP A 171 -19.13 -21.24 11.93
CA ASP A 171 -19.27 -19.80 12.16
C ASP A 171 -17.98 -19.06 11.79
N VAL A 172 -16.80 -19.59 12.20
CA VAL A 172 -15.52 -18.96 11.92
C VAL A 172 -15.27 -18.93 10.41
N LEU A 173 -15.51 -20.05 9.72
CA LEU A 173 -15.31 -20.12 8.28
C LEU A 173 -16.11 -19.10 7.51
N ARG A 174 -17.31 -18.74 8.01
CA ARG A 174 -18.20 -17.88 7.24
C ARG A 174 -18.08 -16.40 7.60
N VAL A 175 -17.40 -16.06 8.71
CA VAL A 175 -17.47 -14.68 9.24
C VAL A 175 -16.52 -13.75 8.48
N ARG A 176 -16.94 -12.51 8.27
CA ARG A 176 -16.08 -11.53 7.67
C ARG A 176 -15.10 -10.98 8.71
N VAL A 177 -13.82 -11.13 8.42
CA VAL A 177 -12.77 -10.54 9.24
C VAL A 177 -12.32 -9.25 8.56
N PRO A 178 -12.63 -8.07 9.14
CA PRO A 178 -12.38 -6.80 8.48
C PRO A 178 -10.90 -6.43 8.58
N THR A 179 -10.28 -6.15 7.43
CA THR A 179 -8.97 -5.55 7.43
C THR A 179 -8.79 -4.82 6.11
N THR A 180 -8.06 -3.70 6.16
CA THR A 180 -7.74 -2.95 4.97
C THR A 180 -6.23 -2.97 4.70
N GLY A 181 -5.55 -3.90 5.38
CA GLY A 181 -4.15 -4.16 5.04
C GLY A 181 -3.97 -5.56 4.46
N ILE A 182 -2.70 -5.92 4.19
CA ILE A 182 -2.40 -7.18 3.58
C ILE A 182 -2.66 -8.32 4.57
N ILE A 183 -3.14 -9.43 4.00
CA ILE A 183 -3.34 -10.68 4.70
C ILE A 183 -2.27 -11.66 4.23
N GLU A 184 -1.50 -12.21 5.20
CA GLU A 184 -0.56 -13.26 4.89
C GLU A 184 -0.77 -14.39 5.90
N TYR A 185 -0.92 -15.61 5.39
CA TYR A 185 -1.03 -16.80 6.24
C TYR A 185 -0.06 -17.85 5.73
N PRO A 186 1.07 -18.07 6.45
CA PRO A 186 2.03 -19.10 6.09
C PRO A 186 1.75 -20.41 6.81
N PHE A 187 1.99 -21.50 6.09
CA PHE A 187 1.91 -22.81 6.72
C PHE A 187 2.97 -23.75 6.14
N ASP A 188 3.33 -24.73 6.95
CA ASP A 188 4.37 -25.71 6.62
C ASP A 188 3.72 -26.95 6.06
N LEU A 189 4.26 -27.47 4.96
CA LEU A 189 3.78 -28.71 4.40
C LEU A 189 4.94 -29.36 3.65
N GLU A 190 5.34 -30.57 4.05
CA GLU A 190 6.42 -31.32 3.39
C GLU A 190 7.66 -30.45 3.18
N ASN A 191 8.13 -29.77 4.24
CA ASN A 191 9.38 -29.02 4.25
C ASN A 191 9.35 -27.82 3.31
N ILE A 192 8.12 -27.38 2.96
CA ILE A 192 7.95 -26.18 2.20
C ILE A 192 7.10 -25.27 3.04
N ILE A 193 7.35 -23.97 2.92
CA ILE A 193 6.52 -22.97 3.55
C ILE A 193 5.66 -22.35 2.46
N PHE A 194 4.36 -22.56 2.55
CA PHE A 194 3.40 -21.93 1.65
C PHE A 194 2.99 -20.61 2.31
N ARG A 195 3.19 -19.49 1.61
CA ARG A 195 2.78 -18.19 2.13
C ARG A 195 1.56 -17.75 1.32
N MET A 196 0.39 -17.86 1.93
CA MET A 196 -0.83 -17.46 1.25
C MET A 196 -0.98 -15.96 1.44
N VAL A 197 -1.25 -15.24 0.35
CA VAL A 197 -1.37 -13.79 0.40
C VAL A 197 -2.72 -13.35 -0.17
N ASP A 198 -3.37 -12.39 0.49
CA ASP A 198 -4.67 -11.92 0.04
C ASP A 198 -4.66 -10.41 0.19
N VAL A 199 -4.80 -9.66 -0.93
CA VAL A 199 -4.76 -8.20 -0.94
C VAL A 199 -6.16 -7.59 -1.09
N GLY A 200 -7.18 -8.43 -0.93
CA GLY A 200 -8.57 -8.08 -1.20
C GLY A 200 -9.13 -7.03 -0.25
N GLY A 201 -8.55 -6.94 0.95
CA GLY A 201 -8.96 -5.92 1.88
C GLY A 201 -8.46 -4.52 1.57
N GLN A 202 -7.37 -4.40 0.81
CA GLN A 202 -6.78 -3.11 0.54
C GLN A 202 -7.68 -2.28 -0.38
N ARG A 203 -7.80 -0.99 -0.05
CA ARG A 203 -8.68 -0.07 -0.74
C ARG A 203 -7.91 1.06 -1.40
N SER A 204 -6.57 0.96 -1.46
CA SER A 204 -5.70 1.98 -2.01
C SER A 204 -5.44 1.72 -3.50
N GLU A 205 -4.57 2.52 -4.08
CA GLU A 205 -4.28 2.43 -5.52
C GLU A 205 -3.39 1.24 -5.80
N ARG A 206 -3.92 0.22 -6.51
CA ARG A 206 -3.15 -0.99 -6.77
C ARG A 206 -1.90 -0.70 -7.57
N ARG A 207 -1.93 0.36 -8.41
CA ARG A 207 -0.80 0.71 -9.24
C ARG A 207 0.41 0.92 -8.35
N LYS A 208 0.21 1.35 -7.10
CA LYS A 208 1.36 1.71 -6.28
C LYS A 208 1.92 0.51 -5.52
N TRP A 209 1.31 -0.68 -5.59
CA TRP A 209 1.86 -1.84 -4.89
C TRP A 209 1.84 -3.15 -5.69
N ILE A 210 1.26 -3.16 -6.89
N ILE A 210 1.24 -3.16 -6.90
CA ILE A 210 1.18 -4.42 -7.62
CA ILE A 210 1.18 -4.41 -7.66
C ILE A 210 2.58 -5.00 -7.89
C ILE A 210 2.58 -5.00 -7.89
N HIS A 211 3.60 -4.15 -8.06
CA HIS A 211 4.95 -4.66 -8.32
C HIS A 211 5.61 -5.33 -7.12
N CYS A 212 5.00 -5.24 -5.92
CA CYS A 212 5.44 -6.00 -4.77
C CYS A 212 5.28 -7.50 -5.04
N PHE A 213 4.52 -7.87 -6.08
CA PHE A 213 4.13 -9.26 -6.30
C PHE A 213 4.69 -9.81 -7.61
N GLU A 214 5.76 -9.19 -8.15
CA GLU A 214 6.41 -9.72 -9.34
C GLU A 214 6.89 -11.14 -9.07
N ASN A 215 6.62 -12.03 -10.04
CA ASN A 215 7.08 -13.41 -10.03
C ASN A 215 6.69 -14.20 -8.78
N VAL A 216 5.54 -13.93 -8.15
CA VAL A 216 5.06 -14.85 -7.12
C VAL A 216 5.03 -16.25 -7.74
N THR A 217 5.13 -17.25 -6.88
CA THR A 217 5.13 -18.65 -7.36
C THR A 217 3.85 -19.00 -8.13
N SER A 218 2.72 -18.63 -7.54
N SER A 218 2.72 -18.67 -7.51
CA SER A 218 1.43 -19.08 -8.05
CA SER A 218 1.40 -19.06 -7.99
C SER A 218 0.35 -18.05 -7.76
C SER A 218 0.38 -17.96 -7.80
N ILE A 219 -0.56 -17.90 -8.74
CA ILE A 219 -1.76 -17.11 -8.57
C ILE A 219 -2.91 -18.09 -8.44
N MET A 220 -3.74 -17.85 -7.45
CA MET A 220 -4.92 -18.64 -7.18
C MET A 220 -6.11 -17.70 -7.31
N PHE A 221 -6.80 -17.82 -8.44
CA PHE A 221 -7.91 -16.92 -8.75
C PHE A 221 -9.24 -17.60 -8.43
N LEU A 222 -10.06 -16.95 -7.60
CA LEU A 222 -11.37 -17.44 -7.21
C LEU A 222 -12.50 -16.70 -7.95
N VAL A 223 -13.46 -17.49 -8.44
N VAL A 223 -13.46 -17.46 -8.47
CA VAL A 223 -14.68 -16.98 -9.05
CA VAL A 223 -14.66 -16.88 -9.06
C VAL A 223 -15.86 -17.64 -8.35
C VAL A 223 -15.86 -17.61 -8.46
N ALA A 224 -16.87 -16.84 -7.99
CA ALA A 224 -18.11 -17.38 -7.48
C ALA A 224 -19.00 -17.86 -8.64
N LEU A 225 -19.21 -19.18 -8.79
CA LEU A 225 -20.05 -19.72 -9.85
C LEU A 225 -21.49 -19.19 -9.74
N SER A 226 -21.91 -18.89 -8.50
CA SER A 226 -23.27 -18.49 -8.19
C SER A 226 -23.59 -17.06 -8.60
N GLU A 227 -22.62 -16.31 -9.16
CA GLU A 227 -22.94 -14.96 -9.64
C GLU A 227 -23.39 -14.87 -11.09
N TYR A 228 -23.65 -16.00 -11.75
CA TYR A 228 -23.94 -16.02 -13.17
C TYR A 228 -25.20 -15.23 -13.55
N ASP A 229 -26.11 -15.01 -12.61
CA ASP A 229 -27.37 -14.34 -12.90
C ASP A 229 -27.38 -12.91 -12.34
N GLN A 230 -26.19 -12.34 -12.02
CA GLN A 230 -26.12 -10.97 -11.50
C GLN A 230 -25.41 -10.06 -12.47
N VAL A 231 -25.88 -8.80 -12.56
CA VAL A 231 -25.34 -7.85 -13.52
C VAL A 231 -24.89 -6.58 -12.81
N LEU A 232 -24.03 -5.82 -13.49
CA LEU A 232 -23.55 -4.53 -13.00
C LEU A 232 -24.25 -3.44 -13.80
N VAL A 233 -25.30 -2.90 -13.18
CA VAL A 233 -26.14 -1.91 -13.83
C VAL A 233 -25.30 -0.69 -14.22
N GLU A 234 -24.31 -0.36 -13.39
CA GLU A 234 -23.50 0.82 -13.64
C GLU A 234 -22.51 0.60 -14.79
N SER A 235 -22.22 -0.67 -15.15
CA SER A 235 -21.24 -0.99 -16.17
C SER A 235 -21.95 -1.54 -17.42
N ASP A 236 -23.06 -0.90 -17.78
CA ASP A 236 -23.82 -1.27 -18.97
C ASP A 236 -24.26 -2.73 -18.82
N ASN A 237 -24.74 -3.09 -17.61
CA ASN A 237 -25.32 -4.42 -17.35
C ASN A 237 -24.32 -5.54 -17.63
N GLU A 238 -23.04 -5.24 -17.40
CA GLU A 238 -22.01 -6.28 -17.43
C GLU A 238 -22.40 -7.37 -16.43
N ASN A 239 -22.42 -8.60 -16.93
CA ASN A 239 -22.57 -9.74 -16.05
C ASN A 239 -21.42 -9.75 -15.02
N ARG A 240 -21.71 -10.05 -13.74
N ARG A 240 -21.72 -10.06 -13.75
CA ARG A 240 -20.66 -10.11 -12.73
CA ARG A 240 -20.66 -10.13 -12.74
C ARG A 240 -19.58 -11.14 -13.08
C ARG A 240 -19.57 -11.13 -13.11
N MET A 241 -19.95 -12.25 -13.74
CA MET A 241 -18.96 -13.26 -14.13
C MET A 241 -18.06 -12.64 -15.18
N GLU A 242 -18.62 -11.82 -16.11
CA GLU A 242 -17.79 -11.20 -17.13
C GLU A 242 -16.79 -10.23 -16.47
N GLU A 243 -17.22 -9.54 -15.42
CA GLU A 243 -16.29 -8.63 -14.76
C GLU A 243 -15.16 -9.42 -14.07
N SER A 244 -15.51 -10.52 -13.40
CA SER A 244 -14.52 -11.40 -12.81
C SER A 244 -13.58 -11.91 -13.90
N LYS A 245 -14.14 -12.30 -15.04
CA LYS A 245 -13.31 -12.81 -16.11
C LYS A 245 -12.38 -11.74 -16.68
N ALA A 246 -12.87 -10.50 -16.75
CA ALA A 246 -12.00 -9.44 -17.26
C ALA A 246 -10.82 -9.21 -16.32
N LEU A 247 -11.09 -9.22 -15.01
CA LEU A 247 -10.04 -9.12 -13.99
C LEU A 247 -9.06 -10.27 -14.17
N PHE A 248 -9.59 -11.49 -14.32
CA PHE A 248 -8.72 -12.65 -14.56
C PHE A 248 -7.81 -12.43 -15.78
N ARG A 249 -8.36 -11.93 -16.89
CA ARG A 249 -7.57 -11.73 -18.08
C ARG A 249 -6.44 -10.71 -17.85
N THR A 250 -6.73 -9.64 -17.07
N THR A 250 -6.74 -9.64 -17.08
CA THR A 250 -5.73 -8.62 -16.78
CA THR A 250 -5.76 -8.62 -16.77
C THR A 250 -4.60 -9.24 -15.95
C THR A 250 -4.61 -9.28 -16.00
N ILE A 251 -4.97 -10.21 -15.10
CA ILE A 251 -3.98 -10.92 -14.30
C ILE A 251 -3.15 -11.87 -15.16
N ILE A 252 -3.77 -12.73 -15.97
CA ILE A 252 -2.97 -13.72 -16.65
C ILE A 252 -2.14 -13.07 -17.76
N THR A 253 -2.46 -11.81 -18.16
CA THR A 253 -1.69 -11.11 -19.19
C THR A 253 -0.67 -10.13 -18.62
N TYR A 254 -0.58 -10.04 -17.31
CA TYR A 254 0.33 -9.12 -16.68
C TYR A 254 1.76 -9.58 -16.88
N PRO A 255 2.68 -8.73 -17.39
CA PRO A 255 4.02 -9.21 -17.72
C PRO A 255 4.78 -9.90 -16.58
N TRP A 256 4.60 -9.43 -15.33
CA TRP A 256 5.31 -10.03 -14.21
C TRP A 256 4.60 -11.24 -13.58
N PHE A 257 3.51 -11.73 -14.20
CA PHE A 257 2.92 -12.97 -13.72
C PHE A 257 3.10 -14.08 -14.78
N GLN A 258 3.97 -13.85 -15.77
CA GLN A 258 4.13 -14.81 -16.85
C GLN A 258 4.83 -16.08 -16.35
N ASN A 259 5.66 -15.98 -15.32
CA ASN A 259 6.31 -17.15 -14.76
C ASN A 259 5.48 -17.81 -13.64
N SER A 260 4.36 -17.21 -13.25
CA SER A 260 3.55 -17.73 -12.14
C SER A 260 2.64 -18.85 -12.63
N SER A 261 2.45 -19.91 -11.84
CA SER A 261 1.47 -20.89 -12.23
C SER A 261 0.10 -20.32 -11.88
N VAL A 262 -0.88 -20.56 -12.74
CA VAL A 262 -2.21 -20.01 -12.52
C VAL A 262 -3.18 -21.15 -12.21
N ILE A 263 -3.78 -21.04 -11.03
CA ILE A 263 -4.78 -21.95 -10.54
C ILE A 263 -6.11 -21.20 -10.56
N LEU A 264 -7.14 -21.76 -11.16
CA LEU A 264 -8.47 -21.14 -11.14
C LEU A 264 -9.41 -22.00 -10.30
N PHE A 265 -10.06 -21.39 -9.31
CA PHE A 265 -11.04 -22.07 -8.49
C PHE A 265 -12.41 -21.50 -8.79
N LEU A 266 -13.28 -22.32 -9.36
N LEU A 266 -13.27 -22.31 -9.42
CA LEU A 266 -14.66 -21.95 -9.61
CA LEU A 266 -14.67 -21.98 -9.63
C LEU A 266 -15.45 -22.44 -8.40
C LEU A 266 -15.44 -22.44 -8.39
N ASN A 267 -15.67 -21.48 -7.50
CA ASN A 267 -16.09 -21.71 -6.15
C ASN A 267 -17.61 -21.55 -6.02
N LYS A 268 -18.14 -21.89 -4.85
CA LYS A 268 -19.57 -21.79 -4.55
C LYS A 268 -20.34 -22.77 -5.47
N LYS A 269 -19.75 -23.95 -5.67
CA LYS A 269 -20.40 -24.91 -6.55
C LYS A 269 -21.71 -25.40 -5.91
N ASP A 270 -21.77 -25.37 -4.57
CA ASP A 270 -22.96 -25.74 -3.84
C ASP A 270 -24.08 -24.75 -4.12
N LEU A 271 -23.76 -23.45 -4.13
CA LEU A 271 -24.76 -22.43 -4.34
C LEU A 271 -25.27 -22.47 -5.79
N LEU A 272 -24.38 -22.80 -6.75
CA LEU A 272 -24.79 -23.04 -8.12
C LEU A 272 -25.80 -24.17 -8.17
N GLU A 273 -25.56 -25.27 -7.43
CA GLU A 273 -26.51 -26.36 -7.45
C GLU A 273 -27.89 -25.89 -7.00
N ASP A 274 -27.94 -25.05 -5.96
CA ASP A 274 -29.21 -24.52 -5.47
C ASP A 274 -29.89 -23.59 -6.48
N LYS A 275 -29.13 -22.60 -7.00
CA LYS A 275 -29.68 -21.53 -7.82
C LYS A 275 -30.14 -22.01 -9.20
N ILE A 276 -29.44 -22.99 -9.77
CA ILE A 276 -29.70 -23.43 -11.13
C ILE A 276 -31.11 -24.02 -11.23
N LEU A 277 -31.71 -24.43 -10.10
CA LEU A 277 -33.02 -25.05 -10.17
C LEU A 277 -34.09 -24.02 -10.53
N TYR A 278 -33.85 -22.72 -10.26
CA TYR A 278 -34.84 -21.69 -10.49
C TYR A 278 -34.36 -20.49 -11.31
N SER A 279 -33.05 -20.30 -11.52
CA SER A 279 -32.52 -19.18 -12.29
C SER A 279 -31.71 -19.73 -13.46
N HIS A 280 -32.20 -19.49 -14.68
CA HIS A 280 -31.72 -20.18 -15.89
C HIS A 280 -30.49 -19.47 -16.44
N LEU A 281 -29.40 -20.23 -16.61
CA LEU A 281 -28.19 -19.68 -17.21
C LEU A 281 -28.41 -19.06 -18.60
N VAL A 282 -29.23 -19.67 -19.49
CA VAL A 282 -29.40 -19.19 -20.84
C VAL A 282 -30.00 -17.78 -20.87
N ASP A 283 -30.66 -17.38 -19.77
CA ASP A 283 -31.21 -16.02 -19.70
C ASP A 283 -30.10 -14.98 -19.62
N TYR A 284 -28.90 -15.36 -19.13
CA TYR A 284 -27.76 -14.46 -18.94
C TYR A 284 -26.65 -14.68 -19.96
N PHE A 285 -26.53 -15.94 -20.43
CA PHE A 285 -25.56 -16.31 -21.44
C PHE A 285 -26.29 -17.08 -22.52
N PRO A 286 -26.92 -16.39 -23.48
CA PRO A 286 -27.77 -17.09 -24.45
C PRO A 286 -27.02 -18.10 -25.32
N GLU A 287 -25.68 -18.04 -25.40
CA GLU A 287 -24.94 -19.04 -26.17
C GLU A 287 -25.00 -20.44 -25.49
N PHE A 288 -25.42 -20.51 -24.25
CA PHE A 288 -25.46 -21.73 -23.44
C PHE A 288 -26.41 -22.72 -24.10
N ASP A 289 -25.91 -23.94 -24.41
CA ASP A 289 -26.76 -24.86 -25.15
C ASP A 289 -27.10 -26.14 -24.37
N GLY A 290 -26.87 -26.13 -23.09
CA GLY A 290 -27.14 -27.27 -22.21
C GLY A 290 -28.57 -27.25 -21.66
N PRO A 291 -28.98 -28.30 -20.95
CA PRO A 291 -30.29 -28.31 -20.32
C PRO A 291 -30.38 -27.30 -19.19
N GLN A 292 -31.63 -26.91 -18.93
CA GLN A 292 -31.96 -26.15 -17.76
C GLN A 292 -31.89 -27.03 -16.52
N ARG A 293 -31.75 -26.37 -15.36
CA ARG A 293 -31.80 -26.99 -14.05
CA ARG A 293 -31.81 -27.00 -14.06
C ARG A 293 -30.73 -28.07 -13.92
N ASP A 294 -29.57 -27.87 -14.58
CA ASP A 294 -28.50 -28.84 -14.62
C ASP A 294 -27.18 -28.18 -14.21
N ALA A 295 -26.79 -28.40 -12.96
CA ALA A 295 -25.59 -27.77 -12.39
C ALA A 295 -24.33 -28.18 -13.13
N GLN A 296 -24.25 -29.46 -13.51
CA GLN A 296 -23.06 -29.95 -14.20
C GLN A 296 -22.88 -29.22 -15.53
N ALA A 297 -23.95 -29.17 -16.33
CA ALA A 297 -23.83 -28.44 -17.60
C ALA A 297 -23.47 -26.96 -17.37
N ALA A 298 -24.10 -26.35 -16.36
CA ALA A 298 -23.83 -24.94 -16.04
C ALA A 298 -22.36 -24.72 -15.67
N ARG A 299 -21.82 -25.54 -14.76
CA ARG A 299 -20.47 -25.25 -14.30
C ARG A 299 -19.45 -25.53 -15.42
N GLU A 300 -19.66 -26.57 -16.25
N GLU A 300 -19.69 -26.51 -16.28
CA GLU A 300 -18.80 -26.87 -17.37
CA GLU A 300 -18.76 -26.82 -17.35
C GLU A 300 -18.79 -25.67 -18.33
C GLU A 300 -18.81 -25.74 -18.44
N PHE A 301 -19.98 -25.13 -18.62
CA PHE A 301 -20.12 -23.96 -19.49
C PHE A 301 -19.33 -22.76 -18.91
N ILE A 302 -19.51 -22.52 -17.63
CA ILE A 302 -18.85 -21.38 -16.99
C ILE A 302 -17.33 -21.54 -17.05
N LEU A 303 -16.84 -22.75 -16.75
CA LEU A 303 -15.40 -23.00 -16.91
C LEU A 303 -14.91 -22.66 -18.32
N LYS A 304 -15.56 -23.22 -19.35
CA LYS A 304 -15.12 -23.02 -20.72
C LYS A 304 -15.11 -21.54 -21.10
N MET A 305 -16.15 -20.81 -20.67
CA MET A 305 -16.34 -19.37 -20.94
C MET A 305 -15.20 -18.61 -20.26
N PHE A 306 -14.81 -19.06 -19.07
CA PHE A 306 -13.91 -18.31 -18.25
C PHE A 306 -12.52 -18.35 -18.82
N VAL A 307 -12.16 -19.52 -19.40
CA VAL A 307 -10.83 -19.65 -19.95
C VAL A 307 -10.79 -19.40 -21.47
N ASP A 308 -11.92 -19.00 -22.06
CA ASP A 308 -11.93 -18.57 -23.46
C ASP A 308 -11.46 -17.10 -23.57
N LEU A 309 -10.15 -16.86 -23.73
CA LEU A 309 -9.59 -15.53 -23.46
C LEU A 309 -9.03 -14.75 -24.68
N ASN A 310 -8.86 -15.39 -25.86
CA ASN A 310 -8.31 -14.78 -27.08
C ASN A 310 -7.31 -15.76 -27.72
N SER A 313 -2.23 -17.30 -24.73
CA SER A 313 -0.91 -17.85 -24.29
C SER A 313 -1.01 -19.37 -24.15
N ASP A 314 0.08 -20.07 -24.52
CA ASP A 314 0.19 -21.51 -24.32
C ASP A 314 0.28 -21.87 -22.83
N LYS A 315 -0.11 -20.94 -21.94
N LYS A 315 -0.06 -20.91 -21.94
CA LYS A 315 -0.01 -21.12 -20.50
CA LYS A 315 -0.03 -21.10 -20.50
C LYS A 315 -1.14 -22.02 -20.02
C LYS A 315 -1.12 -22.09 -20.11
N ILE A 316 -0.81 -23.03 -19.20
CA ILE A 316 -1.83 -23.93 -18.69
C ILE A 316 -2.55 -23.21 -17.56
N ILE A 317 -3.89 -23.32 -17.53
CA ILE A 317 -4.68 -22.87 -16.40
C ILE A 317 -5.20 -24.10 -15.69
N TYR A 318 -4.79 -24.26 -14.44
CA TYR A 318 -5.13 -25.41 -13.62
C TYR A 318 -6.44 -25.12 -12.89
N SER A 319 -7.54 -25.70 -13.37
N SER A 319 -7.55 -25.71 -13.38
CA SER A 319 -8.86 -25.32 -12.86
CA SER A 319 -8.88 -25.34 -12.90
C SER A 319 -9.46 -26.42 -11.98
C SER A 319 -9.46 -26.41 -11.99
N HIS A 320 -10.22 -25.98 -10.99
CA HIS A 320 -10.92 -26.87 -10.08
C HIS A 320 -12.24 -26.25 -9.70
N PHE A 321 -13.29 -27.08 -9.56
CA PHE A 321 -14.52 -26.67 -8.91
C PHE A 321 -14.36 -26.85 -7.40
N THR A 322 -14.85 -25.89 -6.63
CA THR A 322 -14.71 -25.95 -5.18
C THR A 322 -15.97 -25.50 -4.46
N CYS A 323 -16.04 -25.94 -3.20
CA CYS A 323 -16.90 -25.38 -2.20
C CYS A 323 -16.03 -25.02 -1.01
N ALA A 324 -15.66 -23.74 -0.90
CA ALA A 324 -14.62 -23.36 0.06
C ALA A 324 -15.03 -23.53 1.52
N THR A 325 -16.33 -23.60 1.81
CA THR A 325 -16.80 -23.84 3.18
C THR A 325 -16.77 -25.32 3.57
N ASP A 326 -16.54 -26.22 2.60
CA ASP A 326 -16.48 -27.65 2.83
C ASP A 326 -15.03 -28.06 3.02
N THR A 327 -14.63 -28.29 4.28
CA THR A 327 -13.25 -28.64 4.57
C THR A 327 -12.76 -29.87 3.80
N GLU A 328 -13.59 -30.91 3.67
N GLU A 328 -13.58 -30.90 3.68
CA GLU A 328 -13.18 -32.14 2.99
CA GLU A 328 -13.24 -32.11 2.97
C GLU A 328 -13.01 -31.88 1.49
C GLU A 328 -12.97 -31.81 1.50
N ASN A 329 -13.81 -30.97 0.91
CA ASN A 329 -13.64 -30.59 -0.49
C ASN A 329 -12.30 -29.90 -0.68
N ILE A 330 -11.98 -28.92 0.19
CA ILE A 330 -10.75 -28.17 0.03
C ILE A 330 -9.54 -29.06 0.30
N ARG A 331 -9.67 -30.02 1.24
N ARG A 331 -9.63 -30.04 1.20
CA ARG A 331 -8.64 -31.02 1.48
CA ARG A 331 -8.51 -30.96 1.40
C ARG A 331 -8.28 -31.70 0.16
C ARG A 331 -8.25 -31.76 0.12
N PHE A 332 -9.33 -32.19 -0.53
CA PHE A 332 -9.20 -32.96 -1.75
C PHE A 332 -8.57 -32.07 -2.85
N VAL A 333 -9.17 -30.91 -3.08
CA VAL A 333 -8.71 -30.07 -4.19
C VAL A 333 -7.28 -29.56 -3.94
N PHE A 334 -6.99 -29.11 -2.71
CA PHE A 334 -5.67 -28.57 -2.44
C PHE A 334 -4.60 -29.66 -2.51
N ALA A 335 -4.92 -30.92 -2.22
CA ALA A 335 -3.95 -31.99 -2.39
C ALA A 335 -3.47 -32.02 -3.85
N ALA A 336 -4.39 -31.85 -4.80
CA ALA A 336 -4.00 -31.90 -6.21
C ALA A 336 -3.23 -30.61 -6.57
N VAL A 337 -3.68 -29.47 -6.04
CA VAL A 337 -3.06 -28.18 -6.33
C VAL A 337 -1.63 -28.17 -5.82
N LYS A 338 -1.43 -28.67 -4.59
CA LYS A 338 -0.10 -28.70 -3.98
C LYS A 338 0.87 -29.48 -4.87
N ASP A 339 0.37 -30.58 -5.44
CA ASP A 339 1.20 -31.39 -6.29
C ASP A 339 1.56 -30.64 -7.57
N THR A 340 0.58 -29.92 -8.15
CA THR A 340 0.88 -29.09 -9.32
C THR A 340 1.99 -28.09 -8.98
N ILE A 341 1.82 -27.39 -7.88
CA ILE A 341 2.74 -26.30 -7.54
C ILE A 341 4.12 -26.86 -7.24
N LEU A 342 4.20 -27.95 -6.49
CA LEU A 342 5.50 -28.49 -6.15
C LEU A 342 6.18 -29.05 -7.39
N GLN A 343 5.44 -29.75 -8.26
CA GLN A 343 6.03 -30.29 -9.46
C GLN A 343 6.66 -29.18 -10.31
N LEU A 344 5.95 -28.08 -10.45
CA LEU A 344 6.42 -26.95 -11.25
C LEU A 344 7.61 -26.26 -10.59
N ASN A 345 7.71 -26.27 -9.27
CA ASN A 345 8.72 -25.43 -8.64
C ASN A 345 9.92 -26.23 -8.15
N LEU A 346 9.88 -27.55 -8.24
CA LEU A 346 11.03 -28.32 -7.82
C LEU A 346 11.58 -28.96 -9.11
N ARG B 12 -20.87 26.57 -4.41
CA ARG B 12 -19.39 26.65 -4.50
C ARG B 12 -19.00 27.78 -5.46
N GLN B 13 -19.70 28.92 -5.37
CA GLN B 13 -19.31 30.13 -6.08
C GLN B 13 -18.15 30.78 -5.34
N GLU B 14 -18.22 30.78 -3.99
CA GLU B 14 -17.19 31.33 -3.14
C GLU B 14 -15.88 30.57 -3.36
N ALA B 15 -15.98 29.27 -3.68
CA ALA B 15 -14.83 28.40 -3.85
C ALA B 15 -14.21 28.55 -5.25
N GLU B 16 -14.93 29.22 -6.15
CA GLU B 16 -14.36 29.66 -7.42
C GLU B 16 -13.62 30.98 -7.21
N GLN B 17 -14.28 31.94 -6.53
CA GLN B 17 -13.73 33.28 -6.27
C GLN B 17 -12.39 33.19 -5.56
N LEU B 18 -12.17 32.14 -4.76
CA LEU B 18 -10.95 31.97 -3.99
C LEU B 18 -9.88 31.27 -4.80
N LYS B 19 -10.30 30.22 -5.53
CA LYS B 19 -9.40 29.49 -6.40
C LYS B 19 -8.81 30.47 -7.42
N ASN B 20 -9.64 31.40 -7.92
CA ASN B 20 -9.19 32.38 -8.89
C ASN B 20 -8.27 33.39 -8.21
N GLN B 21 -8.66 33.82 -7.00
CA GLN B 21 -7.90 34.81 -6.26
C GLN B 21 -6.48 34.31 -6.07
N ILE B 22 -6.34 33.00 -5.80
CA ILE B 22 -5.03 32.40 -5.56
C ILE B 22 -4.21 32.42 -6.86
N ARG B 23 -4.83 32.01 -7.96
CA ARG B 23 -4.18 32.02 -9.26
C ARG B 23 -3.69 33.43 -9.57
N ASP B 24 -4.54 34.43 -9.43
CA ASP B 24 -4.19 35.79 -9.83
C ASP B 24 -3.08 36.37 -8.95
N ALA B 25 -3.12 36.04 -7.65
CA ALA B 25 -2.11 36.49 -6.72
C ALA B 25 -0.75 35.91 -7.10
N ARG B 26 -0.72 34.61 -7.44
CA ARG B 26 0.52 33.96 -7.82
C ARG B 26 1.08 34.59 -9.09
N LYS B 27 0.19 34.93 -10.03
CA LYS B 27 0.62 35.52 -11.27
C LYS B 27 1.20 36.91 -11.01
N ALA B 28 0.65 37.63 -10.03
CA ALA B 28 1.12 38.98 -9.72
C ALA B 28 2.54 38.97 -9.14
N CYS B 29 2.95 37.84 -8.55
CA CYS B 29 4.30 37.62 -8.03
C CYS B 29 5.27 37.15 -9.09
N ALA B 30 4.77 36.66 -10.23
CA ALA B 30 5.63 36.03 -11.22
C ALA B 30 6.27 37.08 -12.13
N ASP B 31 7.25 37.81 -11.59
CA ASP B 31 7.81 38.97 -12.24
C ASP B 31 9.00 38.58 -13.10
N ALA B 32 9.48 37.37 -12.93
CA ALA B 32 10.62 36.85 -13.64
C ALA B 32 10.72 35.37 -13.30
N THR B 33 11.50 34.59 -14.04
CA THR B 33 11.64 33.17 -13.79
C THR B 33 13.00 32.88 -13.15
N LEU B 34 13.09 31.77 -12.43
CA LEU B 34 14.37 31.29 -11.91
C LEU B 34 15.43 31.21 -13.01
N SER B 35 15.07 30.62 -14.16
CA SER B 35 16.07 30.41 -15.20
C SER B 35 16.59 31.76 -15.69
N GLN B 36 15.69 32.74 -15.84
CA GLN B 36 16.10 34.10 -16.16
C GLN B 36 17.15 34.57 -15.16
N ILE B 37 16.79 34.46 -13.87
CA ILE B 37 17.59 34.97 -12.79
C ILE B 37 18.95 34.27 -12.80
N THR B 38 19.00 32.97 -13.15
CA THR B 38 20.23 32.19 -13.03
C THR B 38 20.98 32.10 -14.35
N ASN B 39 20.48 32.76 -15.40
CA ASN B 39 21.03 32.58 -16.74
C ASN B 39 22.52 32.89 -16.83
N ASN B 40 23.03 33.82 -16.01
CA ASN B 40 24.39 34.30 -16.14
C ASN B 40 25.39 33.44 -15.36
N ILE B 41 24.92 32.64 -14.40
CA ILE B 41 25.85 31.92 -13.54
C ILE B 41 26.46 30.74 -14.29
N ASP B 42 27.62 30.32 -13.82
CA ASP B 42 28.36 29.29 -14.52
C ASP B 42 27.63 27.97 -14.34
N PRO B 43 27.62 27.11 -15.38
CA PRO B 43 27.14 25.73 -15.21
C PRO B 43 28.03 24.97 -14.25
N VAL B 44 27.52 23.87 -13.67
CA VAL B 44 28.27 23.12 -12.68
C VAL B 44 29.30 22.24 -13.40
N GLY B 45 29.11 22.05 -14.70
CA GLY B 45 29.98 21.18 -15.45
C GLY B 45 29.57 19.73 -15.24
N ARG B 46 30.41 18.80 -15.71
CA ARG B 46 30.05 17.39 -15.68
C ARG B 46 30.33 16.85 -14.27
N ILE B 47 29.27 16.33 -13.64
CA ILE B 47 29.38 15.68 -12.34
C ILE B 47 29.63 14.20 -12.57
N GLN B 48 30.80 13.70 -12.15
CA GLN B 48 31.16 12.31 -12.42
C GLN B 48 31.53 11.58 -11.13
N MET B 49 30.53 11.03 -10.49
CA MET B 49 30.74 10.35 -9.23
C MET B 49 31.07 8.89 -9.52
N ARG B 50 31.79 8.26 -8.60
N ARG B 50 31.79 8.25 -8.60
CA ARG B 50 32.12 6.86 -8.74
CA ARG B 50 32.12 6.85 -8.77
C ARG B 50 31.45 6.07 -7.61
C ARG B 50 31.55 6.06 -7.60
N THR B 51 31.28 4.77 -7.85
CA THR B 51 30.82 3.86 -6.81
C THR B 51 32.00 3.62 -5.87
N ARG B 52 31.84 3.94 -4.58
CA ARG B 52 32.87 3.76 -3.57
C ARG B 52 32.61 2.56 -2.68
N ARG B 53 31.34 2.21 -2.55
CA ARG B 53 30.95 1.03 -1.77
C ARG B 53 29.79 0.35 -2.48
N THR B 54 29.79 -0.99 -2.41
CA THR B 54 28.63 -1.77 -2.76
C THR B 54 28.17 -2.58 -1.54
N LEU B 55 26.96 -2.32 -1.06
CA LEU B 55 26.44 -2.94 0.16
C LEU B 55 25.60 -4.17 -0.21
N ARG B 56 26.19 -5.34 0.07
CA ARG B 56 25.68 -6.63 -0.33
C ARG B 56 25.14 -7.33 0.91
N GLY B 57 23.93 -7.83 0.79
CA GLY B 57 23.34 -8.66 1.83
C GLY B 57 21.82 -8.86 1.75
N HIS B 58 21.09 -7.91 1.19
CA HIS B 58 19.67 -8.07 0.96
C HIS B 58 19.48 -9.13 -0.13
N LEU B 59 18.37 -9.86 -0.02
CA LEU B 59 18.17 -10.97 -0.94
C LEU B 59 16.92 -10.77 -1.80
N ALA B 60 16.40 -9.56 -1.86
CA ALA B 60 15.24 -9.23 -2.68
C ALA B 60 15.25 -7.72 -2.85
N LYS B 61 14.25 -7.19 -3.52
CA LYS B 61 14.20 -5.77 -3.80
C LYS B 61 14.33 -4.93 -2.52
N ILE B 62 15.11 -3.88 -2.65
CA ILE B 62 15.17 -2.82 -1.63
C ILE B 62 14.14 -1.76 -2.01
N TYR B 63 13.35 -1.32 -1.03
CA TYR B 63 12.32 -0.32 -1.22
C TYR B 63 12.65 1.05 -0.62
N ALA B 64 13.53 1.09 0.37
CA ALA B 64 13.76 2.36 1.07
C ALA B 64 15.12 2.31 1.79
N MET B 65 15.66 3.52 2.08
CA MET B 65 16.85 3.63 2.89
C MET B 65 16.82 5.03 3.53
N HIS B 66 17.55 5.14 4.63
CA HIS B 66 17.69 6.44 5.30
C HIS B 66 19.03 6.48 6.02
N TRP B 67 19.79 7.56 5.78
CA TRP B 67 21.02 7.79 6.49
C TRP B 67 20.75 8.22 7.94
N GLY B 68 21.62 7.73 8.83
CA GLY B 68 21.79 8.31 10.15
C GLY B 68 22.38 9.72 10.07
N THR B 69 22.19 10.48 11.15
CA THR B 69 22.69 11.84 11.21
C THR B 69 24.20 11.91 11.36
N ASP B 70 24.87 10.78 11.63
CA ASP B 70 26.33 10.78 11.67
C ASP B 70 26.97 10.62 10.29
N SER B 71 26.18 10.61 9.21
CA SER B 71 26.68 10.52 7.85
C SER B 71 27.52 9.26 7.62
N ARG B 72 27.26 8.22 8.42
CA ARG B 72 28.07 7.02 8.41
C ARG B 72 27.17 5.77 8.43
N LEU B 73 26.32 5.62 9.46
CA LEU B 73 25.37 4.51 9.52
C LEU B 73 24.16 4.81 8.66
N LEU B 74 23.58 3.76 8.09
CA LEU B 74 22.32 3.88 7.34
C LEU B 74 21.47 2.63 7.52
N VAL B 75 20.15 2.80 7.39
CA VAL B 75 19.23 1.69 7.42
C VAL B 75 18.62 1.51 6.04
N SER B 76 18.44 0.23 5.66
CA SER B 76 17.74 -0.11 4.42
C SER B 76 16.67 -1.15 4.71
N ALA B 77 15.61 -1.17 3.87
CA ALA B 77 14.48 -2.05 4.03
C ALA B 77 14.18 -2.78 2.73
N SER B 78 14.01 -4.07 2.86
CA SER B 78 13.82 -4.97 1.72
C SER B 78 12.62 -5.91 1.90
N GLN B 79 12.07 -6.40 0.75
CA GLN B 79 11.05 -7.42 0.71
C GLN B 79 11.60 -8.79 1.08
N ASP B 80 12.91 -8.86 1.40
CA ASP B 80 13.46 -10.04 2.04
C ASP B 80 13.06 -10.09 3.52
N GLY B 81 12.34 -9.09 4.00
CA GLY B 81 11.80 -9.14 5.34
C GLY B 81 12.81 -8.66 6.39
N LYS B 82 13.88 -7.99 5.96
CA LYS B 82 14.90 -7.47 6.86
C LYS B 82 15.05 -5.95 6.73
N LEU B 83 15.33 -5.30 7.88
CA LEU B 83 16.03 -4.02 7.92
C LEU B 83 17.49 -4.36 8.19
N ILE B 84 18.37 -3.74 7.44
CA ILE B 84 19.78 -3.86 7.73
C ILE B 84 20.32 -2.46 8.07
N ILE B 85 21.07 -2.38 9.16
CA ILE B 85 21.82 -1.19 9.51
C ILE B 85 23.28 -1.45 9.19
N TRP B 86 23.85 -0.59 8.36
CA TRP B 86 25.19 -0.73 7.82
C TRP B 86 26.08 0.40 8.31
N ASP B 87 27.34 0.09 8.57
CA ASP B 87 28.39 1.08 8.65
C ASP B 87 28.92 1.28 7.23
N SER B 88 28.58 2.38 6.57
CA SER B 88 28.98 2.57 5.18
C SER B 88 30.49 2.63 5.00
N TYR B 89 31.23 3.10 6.02
CA TYR B 89 32.64 3.33 5.88
C TYR B 89 33.38 2.00 5.73
N THR B 90 32.96 0.99 6.52
CA THR B 90 33.64 -0.30 6.58
C THR B 90 32.90 -1.38 5.75
N THR B 91 31.61 -1.14 5.48
CA THR B 91 30.56 -2.04 5.01
C THR B 91 30.12 -3.03 6.09
N ASN B 92 30.62 -2.92 7.31
CA ASN B 92 30.16 -3.80 8.38
C ASN B 92 28.66 -3.68 8.54
N LYS B 93 28.00 -4.82 8.70
CA LYS B 93 26.62 -4.82 9.14
C LYS B 93 26.58 -4.69 10.67
N VAL B 94 25.74 -3.77 11.15
CA VAL B 94 25.66 -3.48 12.59
C VAL B 94 24.44 -4.13 13.22
N HIS B 95 23.33 -4.21 12.46
CA HIS B 95 22.13 -4.92 12.88
C HIS B 95 21.43 -5.48 11.64
N ALA B 96 20.68 -6.56 11.85
CA ALA B 96 19.69 -7.05 10.90
C ALA B 96 18.43 -7.37 11.69
N ILE B 97 17.34 -6.77 11.30
CA ILE B 97 16.12 -6.84 12.09
C ILE B 97 15.09 -7.59 11.26
N PRO B 98 14.63 -8.77 11.72
CA PRO B 98 13.59 -9.52 11.00
C PRO B 98 12.23 -8.86 11.21
N LEU B 99 11.51 -8.63 10.13
CA LEU B 99 10.22 -7.95 10.21
C LEU B 99 9.07 -8.94 10.24
N ARG B 100 8.02 -8.58 10.97
N ARG B 100 8.01 -8.61 10.96
CA ARG B 100 6.80 -9.35 10.98
CA ARG B 100 6.81 -9.43 10.96
C ARG B 100 6.22 -9.42 9.57
C ARG B 100 6.22 -9.43 9.54
N SER B 101 6.18 -8.26 8.92
CA SER B 101 5.63 -8.12 7.56
C SER B 101 6.76 -7.78 6.60
N SER B 102 6.97 -8.63 5.57
CA SER B 102 8.02 -8.36 4.60
C SER B 102 7.62 -7.33 3.54
N TRP B 103 6.35 -6.88 3.55
CA TRP B 103 5.77 -6.03 2.52
C TRP B 103 6.10 -4.57 2.82
N VAL B 104 7.39 -4.27 2.94
N VAL B 104 7.40 -4.27 2.82
CA VAL B 104 7.85 -3.01 3.51
CA VAL B 104 7.90 -2.98 3.28
C VAL B 104 8.00 -1.97 2.38
C VAL B 104 7.73 -1.93 2.20
N MET B 105 7.66 -0.69 2.65
CA MET B 105 7.71 0.41 1.70
C MET B 105 8.58 1.61 2.17
N THR B 106 8.87 1.66 3.47
CA THR B 106 9.59 2.80 4.03
C THR B 106 10.40 2.36 5.23
N CYS B 107 11.51 3.08 5.45
CA CYS B 107 12.19 3.00 6.74
C CYS B 107 12.75 4.39 7.08
N ALA B 108 13.08 4.58 8.37
CA ALA B 108 13.59 5.85 8.87
C ALA B 108 14.56 5.56 10.01
N TYR B 109 15.57 6.45 10.13
CA TYR B 109 16.54 6.44 11.20
C TYR B 109 16.22 7.62 12.13
N ALA B 110 15.98 7.36 13.42
CA ALA B 110 15.78 8.49 14.34
C ALA B 110 17.07 9.29 14.40
N PRO B 111 16.96 10.64 14.49
CA PRO B 111 18.13 11.49 14.65
C PRO B 111 19.09 11.11 15.76
N SER B 112 18.56 10.57 16.87
CA SER B 112 19.37 10.18 17.98
C SER B 112 20.26 8.99 17.64
N GLY B 113 19.84 8.19 16.65
CA GLY B 113 20.46 6.91 16.38
C GLY B 113 19.91 5.76 17.21
N ASN B 114 18.97 6.03 18.11
CA ASN B 114 18.55 5.04 19.08
C ASN B 114 17.40 4.14 18.57
N TYR B 115 16.70 4.57 17.52
CA TYR B 115 15.54 3.86 17.00
C TYR B 115 15.57 3.91 15.48
N VAL B 116 14.92 2.90 14.84
CA VAL B 116 14.53 2.97 13.45
C VAL B 116 13.04 2.64 13.36
N ALA B 117 12.46 2.91 12.19
CA ALA B 117 11.06 2.64 11.96
C ALA B 117 10.90 2.07 10.56
N CYS B 118 9.80 1.36 10.34
N CYS B 118 9.81 1.32 10.34
CA CYS B 118 9.46 0.91 9.00
CA CYS B 118 9.56 0.61 9.09
C CYS B 118 8.02 0.44 8.95
C CYS B 118 8.07 0.31 8.96
N GLY B 119 7.56 0.19 7.72
CA GLY B 119 6.23 -0.34 7.56
C GLY B 119 5.88 -0.38 6.07
N GLY B 120 4.67 -0.79 5.78
CA GLY B 120 4.24 -0.93 4.40
C GLY B 120 2.80 -1.36 4.28
N LEU B 121 2.58 -2.51 3.60
CA LEU B 121 1.24 -2.99 3.30
C LEU B 121 0.54 -3.52 4.55
N ASP B 122 1.27 -3.62 5.69
CA ASP B 122 0.64 -3.92 6.97
C ASP B 122 -0.10 -2.73 7.62
N ASN B 123 0.06 -1.55 7.06
CA ASN B 123 -0.62 -0.30 7.45
C ASN B 123 -0.14 0.16 8.83
N ILE B 124 1.01 -0.32 9.24
CA ILE B 124 1.56 -0.08 10.59
C ILE B 124 2.92 0.56 10.49
N CYS B 125 3.20 1.53 11.38
CA CYS B 125 4.55 2.05 11.52
C CYS B 125 5.16 1.41 12.77
N SER B 126 6.10 0.48 12.57
CA SER B 126 6.78 -0.24 13.64
C SER B 126 8.07 0.49 14.00
N ILE B 127 8.30 0.65 15.32
CA ILE B 127 9.48 1.29 15.89
C ILE B 127 10.30 0.18 16.55
N TYR B 128 11.61 0.21 16.28
CA TYR B 128 12.56 -0.73 16.85
C TYR B 128 13.63 0.06 17.64
N ASN B 129 13.89 -0.43 18.84
CA ASN B 129 14.88 0.12 19.76
C ASN B 129 16.23 -0.57 19.54
N LEU B 130 17.21 0.18 19.08
CA LEU B 130 18.53 -0.34 18.74
C LEU B 130 19.42 -0.51 19.97
N LYS B 131 18.96 -0.11 21.16
CA LYS B 131 19.82 -0.07 22.36
C LYS B 131 19.19 -0.82 23.54
N VAL B 137 17.61 -6.43 19.65
CA VAL B 137 16.76 -5.44 18.92
C VAL B 137 15.35 -6.01 18.73
N ARG B 138 14.40 -5.47 19.49
CA ARG B 138 13.00 -5.87 19.37
C ARG B 138 12.13 -4.65 19.03
N VAL B 139 11.01 -4.99 18.37
CA VAL B 139 9.91 -4.07 18.09
C VAL B 139 9.47 -3.49 19.43
N SER B 140 9.42 -2.17 19.51
CA SER B 140 9.11 -1.49 20.75
C SER B 140 7.73 -0.81 20.69
N ARG B 141 7.22 -0.49 19.49
CA ARG B 141 5.88 0.03 19.34
C ARG B 141 5.41 -0.31 17.93
N GLU B 142 4.14 -0.70 17.85
CA GLU B 142 3.43 -0.77 16.57
C GLU B 142 2.37 0.31 16.54
N LEU B 143 2.59 1.30 15.70
CA LEU B 143 1.66 2.42 15.62
C LEU B 143 0.59 2.08 14.58
N ALA B 144 -0.60 1.81 15.10
CA ALA B 144 -1.75 1.37 14.32
C ALA B 144 -2.78 2.48 14.28
N GLY B 145 -3.41 2.64 13.11
CA GLY B 145 -4.43 3.65 12.93
C GLY B 145 -4.64 4.00 11.45
N HIS B 146 -3.58 3.98 10.65
CA HIS B 146 -3.74 4.16 9.21
C HIS B 146 -4.61 3.01 8.69
N THR B 147 -5.41 3.31 7.65
CA THR B 147 -6.30 2.34 7.05
C THR B 147 -5.82 1.93 5.65
N GLY B 148 -4.67 2.44 5.26
CA GLY B 148 -3.95 2.02 4.06
C GLY B 148 -2.45 2.00 4.28
N TYR B 149 -1.70 1.63 3.24
CA TYR B 149 -0.31 1.31 3.41
C TYR B 149 0.49 2.49 3.94
N LEU B 150 1.54 2.15 4.70
CA LEU B 150 2.50 3.15 5.15
C LEU B 150 3.51 3.42 4.04
N SER B 151 3.48 4.63 3.48
CA SER B 151 4.40 4.93 2.38
C SER B 151 5.71 5.60 2.77
N CYS B 152 5.72 6.34 3.89
CA CYS B 152 6.88 7.10 4.32
C CYS B 152 6.70 7.44 5.79
N CYS B 153 7.83 7.52 6.48
CA CYS B 153 7.82 7.96 7.88
C CYS B 153 9.14 8.64 8.17
N ARG B 154 9.09 9.63 9.09
CA ARG B 154 10.30 10.33 9.52
C ARG B 154 10.12 10.73 10.98
N PHE B 155 11.10 10.36 11.80
CA PHE B 155 11.11 10.78 13.20
C PHE B 155 11.42 12.28 13.32
N LEU B 156 10.70 12.96 14.22
CA LEU B 156 11.09 14.30 14.70
C LEU B 156 12.14 14.18 15.82
N ASP B 157 11.99 13.15 16.67
CA ASP B 157 12.82 12.87 17.83
C ASP B 157 12.43 11.49 18.33
N ASP B 158 12.91 11.07 19.48
CA ASP B 158 12.63 9.72 19.94
C ASP B 158 11.17 9.52 20.37
N ASN B 159 10.41 10.61 20.50
CA ASN B 159 9.06 10.55 21.04
C ASN B 159 7.97 10.75 19.97
N GLN B 160 8.33 11.26 18.79
CA GLN B 160 7.37 11.64 17.75
C GLN B 160 7.85 11.23 16.37
N ILE B 161 6.91 10.77 15.53
CA ILE B 161 7.18 10.39 14.17
C ILE B 161 5.99 10.81 13.31
N VAL B 162 6.30 11.28 12.10
N VAL B 162 6.30 11.27 12.10
CA VAL B 162 5.30 11.63 11.10
CA VAL B 162 5.28 11.60 11.14
C VAL B 162 5.28 10.51 10.05
C VAL B 162 5.28 10.51 10.05
N THR B 163 4.05 10.17 9.62
CA THR B 163 3.81 9.15 8.61
C THR B 163 2.94 9.68 7.48
N SER B 164 3.09 9.04 6.30
CA SER B 164 2.17 9.24 5.16
C SER B 164 1.59 7.89 4.76
N SER B 165 0.37 7.91 4.24
CA SER B 165 -0.36 6.68 3.95
C SER B 165 -1.15 6.71 2.66
N GLY B 166 -1.26 5.49 2.11
CA GLY B 166 -2.22 5.17 1.07
C GLY B 166 -3.67 5.52 1.39
N ASP B 167 -4.00 5.71 2.70
CA ASP B 167 -5.33 6.10 3.09
C ASP B 167 -5.64 7.59 2.84
N THR B 168 -4.68 8.33 2.27
CA THR B 168 -4.83 9.73 1.86
C THR B 168 -4.51 10.70 3.01
N THR B 169 -4.11 10.16 4.16
CA THR B 169 -3.77 11.00 5.32
C THR B 169 -2.29 10.94 5.62
N CYS B 170 -1.81 11.97 6.35
CA CYS B 170 -0.58 11.84 7.11
C CYS B 170 -0.94 11.96 8.60
N ALA B 171 0.00 11.56 9.46
CA ALA B 171 -0.25 11.70 10.89
C ALA B 171 1.05 11.95 11.65
N LEU B 172 0.88 12.65 12.79
CA LEU B 172 1.92 12.79 13.79
C LEU B 172 1.55 11.90 14.96
N TRP B 173 2.51 11.08 15.38
CA TRP B 173 2.28 10.12 16.43
C TRP B 173 3.08 10.42 17.69
N ASP B 174 2.42 10.18 18.81
CA ASP B 174 3.06 10.09 20.11
C ASP B 174 3.52 8.63 20.26
N ILE B 175 4.83 8.37 20.21
CA ILE B 175 5.32 7.00 20.20
C ILE B 175 5.00 6.32 21.52
N GLU B 176 5.10 7.05 22.66
CA GLU B 176 4.87 6.41 23.93
C GLU B 176 3.44 5.89 24.07
N THR B 177 2.44 6.68 23.67
CA THR B 177 1.04 6.33 23.90
C THR B 177 0.50 5.52 22.71
N GLY B 178 1.23 5.57 21.59
CA GLY B 178 0.80 4.95 20.34
C GLY B 178 -0.39 5.63 19.65
N GLN B 179 -0.71 6.87 19.99
CA GLN B 179 -1.86 7.56 19.43
C GLN B 179 -1.41 8.56 18.37
N GLN B 180 -2.28 8.83 17.38
CA GLN B 180 -2.08 9.95 16.48
C GLN B 180 -2.39 11.25 17.20
N THR B 181 -1.38 12.06 17.47
CA THR B 181 -1.57 13.37 18.07
C THR B 181 -2.36 14.28 17.13
N THR B 182 -1.98 14.23 15.84
CA THR B 182 -2.54 15.07 14.81
C THR B 182 -2.72 14.23 13.55
N THR B 183 -3.88 14.40 12.90
CA THR B 183 -4.11 13.78 11.59
C THR B 183 -4.18 14.89 10.57
N PHE B 184 -3.46 14.73 9.46
CA PHE B 184 -3.35 15.75 8.44
C PHE B 184 -4.22 15.30 7.26
N THR B 185 -5.39 15.91 7.14
CA THR B 185 -6.35 15.48 6.13
C THR B 185 -6.44 16.58 5.10
N GLY B 186 -6.64 16.17 3.85
CA GLY B 186 -6.81 17.12 2.75
C GLY B 186 -6.49 16.53 1.38
N HIS B 187 -5.48 15.68 1.31
CA HIS B 187 -5.21 14.95 0.08
C HIS B 187 -6.41 14.10 -0.31
N THR B 188 -6.62 13.92 -1.63
CA THR B 188 -7.75 13.16 -2.09
C THR B 188 -7.25 11.88 -2.76
N GLY B 189 -5.96 11.66 -2.73
CA GLY B 189 -5.35 10.44 -3.23
C GLY B 189 -4.23 9.96 -2.31
N ASP B 190 -3.80 8.72 -2.52
CA ASP B 190 -2.78 8.08 -1.72
C ASP B 190 -1.58 8.99 -1.54
N VAL B 191 -1.14 9.15 -0.30
CA VAL B 191 0.04 9.94 -0.05
C VAL B 191 1.26 9.04 -0.10
N MET B 192 2.28 9.44 -0.87
CA MET B 192 3.39 8.56 -1.19
C MET B 192 4.70 8.89 -0.47
N SER B 193 4.84 10.14 0.02
N SER B 193 4.85 10.14 0.00
CA SER B 193 6.12 10.61 0.46
CA SER B 193 6.15 10.60 0.46
C SER B 193 5.93 11.83 1.34
C SER B 193 5.94 11.83 1.33
N LEU B 194 6.89 12.07 2.23
CA LEU B 194 6.88 13.28 3.01
C LEU B 194 8.32 13.68 3.29
N SER B 195 8.51 14.98 3.61
CA SER B 195 9.81 15.50 3.97
C SER B 195 9.63 16.57 5.05
N LEU B 196 10.38 16.45 6.14
CA LEU B 196 10.31 17.40 7.24
C LEU B 196 11.15 18.63 6.94
N ALA B 197 10.66 19.81 7.34
CA ALA B 197 11.47 21.00 7.24
C ALA B 197 12.69 20.84 8.13
N PRO B 198 13.85 21.47 7.76
CA PRO B 198 15.04 21.41 8.62
C PRO B 198 14.74 21.68 10.12
N ASP B 199 13.83 22.62 10.48
CA ASP B 199 13.50 22.89 11.89
C ASP B 199 12.32 22.10 12.49
N THR B 200 11.68 21.25 11.70
CA THR B 200 10.62 20.33 12.10
C THR B 200 9.27 20.98 12.34
N ARG B 201 9.12 22.29 12.09
CA ARG B 201 7.86 22.95 12.35
C ARG B 201 6.82 22.68 11.26
N LEU B 202 7.32 22.44 10.05
CA LEU B 202 6.51 22.19 8.85
C LEU B 202 7.00 20.91 8.21
N PHE B 203 6.11 20.28 7.41
CA PHE B 203 6.52 19.22 6.53
C PHE B 203 5.70 19.31 5.24
N VAL B 204 6.23 18.69 4.19
CA VAL B 204 5.51 18.61 2.94
C VAL B 204 5.23 17.14 2.60
N SER B 205 4.12 16.93 1.91
CA SER B 205 3.70 15.60 1.45
C SER B 205 3.46 15.63 -0.04
N GLY B 206 3.64 14.49 -0.71
CA GLY B 206 3.25 14.39 -2.12
C GLY B 206 2.38 13.16 -2.38
N ALA B 207 1.34 13.32 -3.20
CA ALA B 207 0.30 12.32 -3.28
C ALA B 207 -0.06 12.00 -4.72
N CYS B 208 -0.92 10.96 -4.85
CA CYS B 208 -1.51 10.54 -6.11
C CYS B 208 -2.65 11.44 -6.56
N ASP B 209 -2.98 12.52 -5.83
CA ASP B 209 -3.85 13.56 -6.33
C ASP B 209 -3.06 14.60 -7.14
N ALA B 210 -1.79 14.32 -7.36
CA ALA B 210 -0.84 15.12 -8.13
C ALA B 210 -0.63 16.47 -7.45
N SER B 211 -0.78 16.50 -6.12
CA SER B 211 -0.53 17.72 -5.36
C SER B 211 0.50 17.44 -4.28
N ALA B 212 1.22 18.52 -3.93
CA ALA B 212 2.09 18.56 -2.76
C ALA B 212 1.49 19.58 -1.78
N LYS B 213 1.50 19.23 -0.49
CA LYS B 213 0.92 20.05 0.53
C LYS B 213 1.96 20.36 1.62
N LEU B 214 1.92 21.61 2.06
CA LEU B 214 2.69 22.10 3.20
C LEU B 214 1.79 22.17 4.43
N TRP B 215 2.26 21.54 5.52
CA TRP B 215 1.52 21.37 6.75
C TRP B 215 2.28 21.98 7.93
N ASP B 216 1.52 22.61 8.80
CA ASP B 216 2.00 23.00 10.13
C ASP B 216 1.84 21.79 11.06
N VAL B 217 2.95 21.30 11.59
CA VAL B 217 2.97 20.11 12.42
C VAL B 217 2.10 20.27 13.65
N ARG B 218 2.17 21.43 14.32
N ARG B 218 2.22 21.44 14.32
CA ARG B 218 1.61 21.57 15.66
CA ARG B 218 1.63 21.71 15.62
C ARG B 218 0.16 22.05 15.56
C ARG B 218 0.14 21.94 15.46
N GLU B 219 -0.20 22.79 14.50
CA GLU B 219 -1.58 23.25 14.32
C GLU B 219 -2.36 22.18 13.57
N GLY B 220 -1.67 21.38 12.77
CA GLY B 220 -2.36 20.33 12.03
C GLY B 220 -3.15 20.78 10.80
N MET B 221 -2.89 21.98 10.26
CA MET B 221 -3.62 22.56 9.12
C MET B 221 -2.72 22.48 7.90
N CYS B 222 -3.35 22.34 6.71
CA CYS B 222 -2.64 22.52 5.44
C CYS B 222 -2.51 24.02 5.15
N ARG B 223 -1.27 24.49 4.96
N ARG B 223 -1.28 24.51 4.97
CA ARG B 223 -1.02 25.91 4.80
CA ARG B 223 -1.05 25.93 4.80
C ARG B 223 -1.06 26.32 3.33
C ARG B 223 -1.08 26.31 3.33
N GLN B 224 -0.53 25.43 2.46
CA GLN B 224 -0.37 25.75 1.03
C GLN B 224 -0.43 24.44 0.23
N THR B 225 -1.00 24.54 -0.97
CA THR B 225 -1.09 23.39 -1.87
C THR B 225 -0.45 23.75 -3.22
N PHE B 226 0.30 22.80 -3.79
CA PHE B 226 1.04 22.99 -5.03
C PHE B 226 0.62 21.90 -6.02
N THR B 227 0.41 22.25 -7.30
CA THR B 227 0.00 21.21 -8.24
C THR B 227 1.17 20.76 -9.12
N GLY B 228 1.21 19.44 -9.42
CA GLY B 228 2.24 18.83 -10.28
C GLY B 228 1.71 18.25 -11.60
N HIS B 229 0.87 19.03 -12.27
CA HIS B 229 0.48 18.71 -13.65
C HIS B 229 -0.15 17.29 -13.79
N GLU B 230 -0.99 16.89 -12.80
CA GLU B 230 -1.86 15.72 -12.87
C GLU B 230 -1.05 14.42 -13.02
N SER B 231 0.14 14.34 -12.42
CA SER B 231 0.89 13.09 -12.38
C SER B 231 1.15 12.70 -10.91
N ASP B 232 1.14 11.42 -10.53
CA ASP B 232 1.38 11.07 -9.14
C ASP B 232 2.75 11.52 -8.66
N ILE B 233 2.81 12.10 -7.46
CA ILE B 233 4.06 12.44 -6.83
C ILE B 233 4.54 11.29 -5.95
N ASN B 234 5.69 10.71 -6.28
CA ASN B 234 6.18 9.55 -5.57
C ASN B 234 7.21 9.89 -4.51
N ALA B 235 7.82 11.09 -4.64
CA ALA B 235 8.95 11.47 -3.81
C ALA B 235 9.00 12.98 -3.60
N ILE B 236 9.51 13.43 -2.46
CA ILE B 236 9.50 14.83 -2.14
C ILE B 236 10.68 15.10 -1.19
N CYS B 237 11.26 16.31 -1.26
N CYS B 237 11.26 16.32 -1.25
CA CYS B 237 12.42 16.64 -0.45
CA CYS B 237 12.43 16.64 -0.43
C CYS B 237 12.53 18.15 -0.26
C CYS B 237 12.57 18.15 -0.27
N PHE B 238 12.87 18.60 0.95
CA PHE B 238 13.06 20.01 1.18
C PHE B 238 14.39 20.48 0.60
N PHE B 239 14.39 21.70 0.07
CA PHE B 239 15.61 22.43 -0.21
C PHE B 239 16.28 22.78 1.13
N PRO B 240 17.64 22.77 1.24
CA PRO B 240 18.32 22.85 2.53
C PRO B 240 17.98 24.05 3.41
N ASN B 241 17.54 25.18 2.85
CA ASN B 241 17.25 26.35 3.67
C ASN B 241 15.81 26.37 4.16
N GLY B 242 15.04 25.33 3.81
CA GLY B 242 13.65 25.13 4.18
C GLY B 242 12.62 26.06 3.51
N ASN B 243 12.99 26.80 2.46
CA ASN B 243 12.10 27.77 1.82
C ASN B 243 11.58 27.31 0.45
N ALA B 244 11.94 26.10 0.08
CA ALA B 244 11.54 25.48 -1.18
C ALA B 244 11.58 23.96 -1.03
N PHE B 245 10.99 23.22 -2.00
CA PHE B 245 11.11 21.77 -2.00
C PHE B 245 11.01 21.29 -3.45
N ALA B 246 11.38 20.03 -3.65
CA ALA B 246 11.31 19.38 -4.95
C ALA B 246 10.48 18.10 -4.87
N THR B 247 9.83 17.79 -6.00
CA THR B 247 9.04 16.58 -6.16
C THR B 247 9.60 15.73 -7.32
N GLY B 248 9.32 14.43 -7.24
CA GLY B 248 9.55 13.50 -8.35
C GLY B 248 8.30 12.70 -8.60
N SER B 249 8.02 12.44 -9.89
N SER B 249 7.92 12.55 -9.89
CA SER B 249 6.68 12.11 -10.33
CA SER B 249 6.60 12.08 -10.26
C SER B 249 6.69 10.92 -11.29
C SER B 249 6.68 10.94 -11.28
N ASP B 250 5.52 10.32 -11.49
CA ASP B 250 5.38 9.29 -12.53
C ASP B 250 5.67 9.85 -13.91
N ASP B 251 5.46 11.17 -14.17
CA ASP B 251 5.63 11.67 -15.51
C ASP B 251 7.05 12.09 -15.83
N ALA B 252 8.02 11.45 -15.19
CA ALA B 252 9.43 11.53 -15.57
C ALA B 252 10.00 12.93 -15.32
N THR B 253 9.30 13.73 -14.51
CA THR B 253 9.64 15.13 -14.31
C THR B 253 9.87 15.39 -12.82
N CYS B 254 10.97 16.08 -12.51
CA CYS B 254 11.13 16.66 -11.19
C CYS B 254 10.63 18.10 -11.25
N ARG B 255 10.22 18.65 -10.09
CA ARG B 255 9.74 20.04 -10.07
C ARG B 255 10.21 20.70 -8.76
N LEU B 256 10.52 22.00 -8.88
CA LEU B 256 10.94 22.82 -7.75
C LEU B 256 9.84 23.82 -7.46
N PHE B 257 9.46 23.89 -6.18
CA PHE B 257 8.42 24.79 -5.71
C PHE B 257 8.99 25.69 -4.61
N ASP B 258 8.62 26.96 -4.68
CA ASP B 258 9.05 27.94 -3.68
C ASP B 258 7.89 28.23 -2.73
N LEU B 259 8.16 28.20 -1.41
CA LEU B 259 7.09 28.43 -0.44
C LEU B 259 6.67 29.90 -0.37
N ARG B 260 7.61 30.84 -0.31
CA ARG B 260 7.23 32.24 -0.10
C ARG B 260 6.63 32.89 -1.33
N ALA B 261 7.03 32.45 -2.53
CA ALA B 261 6.44 32.94 -3.75
C ALA B 261 5.21 32.09 -4.12
N ASP B 262 5.05 30.96 -3.43
CA ASP B 262 3.86 30.11 -3.45
C ASP B 262 3.57 29.54 -4.84
N GLN B 263 4.61 29.05 -5.52
CA GLN B 263 4.42 28.53 -6.88
C GLN B 263 5.65 27.77 -7.38
N GLU B 264 5.45 26.96 -8.44
CA GLU B 264 6.51 26.23 -9.10
C GLU B 264 7.51 27.21 -9.71
N LEU B 265 8.80 26.89 -9.61
CA LEU B 265 9.87 27.68 -10.22
C LEU B 265 10.52 27.01 -11.45
N MET B 266 10.57 25.68 -11.49
N MET B 266 10.56 25.67 -11.50
CA MET B 266 11.36 25.00 -12.52
CA MET B 266 11.40 24.97 -12.46
C MET B 266 10.92 23.55 -12.66
C MET B 266 10.93 23.52 -12.63
N THR B 267 11.07 23.00 -13.87
CA THR B 267 10.89 21.56 -14.12
C THR B 267 12.23 21.03 -14.66
N TYR B 268 12.46 19.74 -14.43
CA TYR B 268 13.67 19.04 -14.82
C TYR B 268 13.27 17.75 -15.53
N SER B 269 13.49 17.72 -16.84
N SER B 269 13.59 17.69 -16.81
CA SER B 269 13.05 16.61 -17.67
CA SER B 269 13.06 16.65 -17.68
C SER B 269 13.77 16.67 -19.00
C SER B 269 13.78 16.68 -19.01
N HIS B 270 13.90 15.50 -19.64
CA HIS B 270 14.29 15.41 -21.03
C HIS B 270 13.26 14.53 -21.76
N ASP B 271 12.94 14.91 -22.99
CA ASP B 271 11.93 14.18 -23.75
C ASP B 271 12.28 12.68 -23.85
N ASN B 272 13.58 12.33 -23.88
CA ASN B 272 13.95 10.92 -24.02
C ASN B 272 14.08 10.17 -22.70
N ILE B 273 13.63 10.74 -21.57
CA ILE B 273 13.45 9.99 -20.35
C ILE B 273 11.97 9.97 -20.02
N ILE B 274 11.28 8.81 -20.11
CA ILE B 274 9.83 8.78 -19.97
C ILE B 274 9.35 7.95 -18.79
N CYS B 275 10.25 7.48 -17.96
CA CYS B 275 9.88 6.55 -16.91
C CYS B 275 9.61 7.28 -15.61
N GLY B 276 9.07 6.55 -14.64
CA GLY B 276 8.79 7.15 -13.35
C GLY B 276 10.04 7.48 -12.54
N ILE B 277 9.86 8.47 -11.64
CA ILE B 277 10.82 8.83 -10.63
C ILE B 277 10.36 8.30 -9.29
N THR B 278 11.30 7.71 -8.52
CA THR B 278 11.00 7.09 -7.24
C THR B 278 11.47 7.90 -6.03
N SER B 279 12.38 8.84 -6.26
CA SER B 279 13.19 9.38 -5.15
C SER B 279 13.86 10.68 -5.58
N VAL B 280 13.98 11.65 -4.65
CA VAL B 280 14.66 12.90 -4.92
C VAL B 280 15.39 13.31 -3.63
N SER B 281 16.49 14.02 -3.84
CA SER B 281 17.23 14.69 -2.76
C SER B 281 18.09 15.80 -3.31
N PHE B 282 18.29 16.86 -2.51
CA PHE B 282 19.29 17.85 -2.83
C PHE B 282 20.64 17.45 -2.27
N SER B 283 21.70 17.99 -2.89
CA SER B 283 23.02 18.01 -2.32
C SER B 283 23.06 19.05 -1.19
N LYS B 284 24.12 19.09 -0.41
CA LYS B 284 24.15 19.91 0.80
C LYS B 284 23.92 21.39 0.52
N SER B 285 24.47 21.95 -0.56
CA SER B 285 24.30 23.34 -0.90
C SER B 285 22.96 23.64 -1.57
N GLY B 286 22.25 22.58 -2.00
CA GLY B 286 21.04 22.74 -2.81
C GLY B 286 21.31 22.90 -4.31
N ARG B 287 22.56 22.95 -4.74
CA ARG B 287 22.81 23.26 -6.13
C ARG B 287 22.43 22.06 -7.03
N LEU B 288 22.63 20.85 -6.52
CA LEU B 288 22.28 19.66 -7.28
C LEU B 288 21.00 19.03 -6.77
N LEU B 289 20.14 18.59 -7.71
CA LEU B 289 18.97 17.79 -7.39
C LEU B 289 19.15 16.40 -7.99
N LEU B 290 19.22 15.40 -7.11
CA LEU B 290 19.42 14.01 -7.52
C LEU B 290 18.09 13.29 -7.46
N ALA B 291 17.84 12.44 -8.47
CA ALA B 291 16.58 11.74 -8.55
C ALA B 291 16.86 10.33 -9.05
N GLY B 292 16.10 9.38 -8.49
CA GLY B 292 16.18 7.98 -8.90
C GLY B 292 15.05 7.64 -9.85
N TYR B 293 15.39 6.81 -10.84
CA TYR B 293 14.47 6.50 -11.94
C TYR B 293 14.21 4.99 -12.10
N ASP B 294 13.01 4.70 -12.60
CA ASP B 294 12.63 3.34 -12.98
C ASP B 294 13.57 2.71 -14.00
N ASP B 295 14.34 3.48 -14.79
CA ASP B 295 15.20 2.97 -15.84
C ASP B 295 16.57 2.50 -15.30
N PHE B 296 16.73 2.52 -13.98
CA PHE B 296 17.85 1.94 -13.21
C PHE B 296 18.95 2.96 -12.94
N ASN B 297 18.76 4.22 -13.37
CA ASN B 297 19.76 5.26 -13.17
C ASN B 297 19.30 6.29 -12.16
N CYS B 298 20.30 7.01 -11.57
N CYS B 298 20.31 7.02 -11.66
CA CYS B 298 20.08 8.29 -10.92
CA CYS B 298 20.11 8.31 -11.04
C CYS B 298 20.56 9.41 -11.86
C CYS B 298 20.56 9.41 -11.99
N ASN B 299 19.72 10.43 -12.08
CA ASN B 299 20.09 11.62 -12.83
C ASN B 299 20.34 12.76 -11.85
N VAL B 300 21.44 13.49 -12.13
CA VAL B 300 21.85 14.60 -11.28
C VAL B 300 21.59 15.88 -12.06
N TRP B 301 20.72 16.74 -11.53
CA TRP B 301 20.33 17.96 -12.22
C TRP B 301 20.93 19.18 -11.54
N ASP B 302 21.22 20.21 -12.35
CA ASP B 302 21.52 21.55 -11.84
C ASP B 302 20.22 22.21 -11.41
N ALA B 303 20.03 22.33 -10.09
CA ALA B 303 18.78 22.83 -9.53
C ALA B 303 18.51 24.26 -9.98
N LEU B 304 19.55 25.06 -10.24
CA LEU B 304 19.37 26.48 -10.58
C LEU B 304 19.15 26.68 -12.08
N LYS B 305 19.78 25.85 -12.92
CA LYS B 305 19.79 26.09 -14.36
C LYS B 305 18.97 25.04 -15.14
N ALA B 306 18.67 23.90 -14.53
CA ALA B 306 17.81 22.82 -15.02
C ALA B 306 18.51 21.86 -15.97
N ASP B 307 19.79 22.08 -16.25
CA ASP B 307 20.57 21.20 -17.11
C ASP B 307 20.85 19.90 -16.40
N ARG B 308 20.88 18.77 -17.12
CA ARG B 308 21.32 17.54 -16.46
C ARG B 308 22.84 17.57 -16.36
N ALA B 309 23.37 17.43 -15.15
CA ALA B 309 24.81 17.55 -14.95
C ALA B 309 25.51 16.19 -14.98
N GLY B 310 24.82 15.08 -14.65
CA GLY B 310 25.50 13.80 -14.58
C GLY B 310 24.55 12.63 -14.30
N VAL B 311 25.10 11.41 -14.34
N VAL B 311 25.10 11.40 -14.30
CA VAL B 311 24.29 10.21 -14.16
CA VAL B 311 24.31 10.18 -14.19
C VAL B 311 25.04 9.24 -13.24
C VAL B 311 25.04 9.23 -13.26
N LEU B 312 24.31 8.52 -12.40
CA LEU B 312 24.85 7.41 -11.63
C LEU B 312 24.21 6.14 -12.19
N ALA B 313 25.02 5.36 -12.95
CA ALA B 313 24.54 4.14 -13.59
C ALA B 313 25.24 2.93 -12.97
N GLY B 314 24.64 2.34 -11.95
CA GLY B 314 25.30 1.24 -11.24
C GLY B 314 24.36 0.12 -10.80
N HIS B 315 23.12 0.16 -11.29
CA HIS B 315 22.15 -0.81 -10.87
C HIS B 315 21.53 -1.53 -12.07
N ASP B 316 21.04 -2.76 -11.79
CA ASP B 316 20.48 -3.64 -12.79
C ASP B 316 18.95 -3.71 -12.68
N ASN B 317 18.34 -2.84 -11.87
CA ASN B 317 16.91 -2.72 -11.74
C ASN B 317 16.63 -1.32 -11.20
N ARG B 318 15.37 -1.03 -10.95
CA ARG B 318 14.94 0.32 -10.57
C ARG B 318 15.77 0.85 -9.41
N VAL B 319 16.09 2.14 -9.46
CA VAL B 319 16.60 2.83 -8.29
C VAL B 319 15.35 3.25 -7.53
N SER B 320 15.17 2.69 -6.34
CA SER B 320 13.92 2.83 -5.60
C SER B 320 14.02 3.89 -4.51
N CYS B 321 15.25 4.26 -4.21
CA CYS B 321 15.49 5.15 -3.06
C CYS B 321 16.87 5.76 -3.17
N LEU B 322 17.06 6.92 -2.53
CA LEU B 322 18.37 7.52 -2.48
C LEU B 322 18.41 8.46 -1.27
N GLY B 323 19.61 8.79 -0.87
CA GLY B 323 19.77 9.74 0.23
C GLY B 323 21.15 10.35 0.19
N VAL B 324 21.26 11.63 0.58
CA VAL B 324 22.51 12.33 0.68
C VAL B 324 22.82 12.52 2.15
N THR B 325 24.07 12.29 2.56
CA THR B 325 24.42 12.40 3.97
C THR B 325 24.28 13.86 4.43
N ASP B 326 24.09 14.04 5.74
CA ASP B 326 24.05 15.38 6.33
C ASP B 326 25.35 16.15 6.11
N ASP B 327 26.51 15.47 6.10
CA ASP B 327 27.76 16.18 5.86
C ASP B 327 28.04 16.40 4.36
N GLY B 328 27.14 15.93 3.51
CA GLY B 328 27.20 16.18 2.08
C GLY B 328 28.22 15.31 1.34
N MET B 329 28.95 14.44 2.05
CA MET B 329 30.08 13.72 1.51
C MET B 329 29.67 12.57 0.56
N ALA B 330 28.48 11.97 0.72
CA ALA B 330 28.07 10.86 -0.15
C ALA B 330 26.59 10.83 -0.48
N VAL B 331 26.29 10.12 -1.60
CA VAL B 331 24.93 9.75 -1.92
C VAL B 331 24.86 8.22 -1.92
N ALA B 332 23.79 7.73 -1.32
CA ALA B 332 23.43 6.31 -1.41
C ALA B 332 22.32 6.14 -2.42
N THR B 333 22.44 5.08 -3.24
CA THR B 333 21.31 4.57 -4.01
C THR B 333 20.92 3.19 -3.51
N GLY B 334 19.62 2.92 -3.49
CA GLY B 334 19.09 1.59 -3.20
C GLY B 334 18.27 1.11 -4.40
N SER B 335 18.17 -0.21 -4.61
CA SER B 335 17.61 -0.68 -5.87
C SER B 335 16.84 -1.98 -5.70
N TRP B 336 15.90 -2.17 -6.63
CA TRP B 336 15.25 -3.46 -6.82
C TRP B 336 16.22 -4.58 -7.14
N ASP B 337 17.46 -4.27 -7.51
CA ASP B 337 18.46 -5.30 -7.78
C ASP B 337 19.07 -5.92 -6.50
N SER B 338 18.65 -5.44 -5.32
CA SER B 338 19.04 -5.95 -4.01
C SER B 338 20.27 -5.29 -3.42
N PHE B 339 20.90 -4.35 -4.15
CA PHE B 339 22.12 -3.72 -3.68
C PHE B 339 21.88 -2.26 -3.31
N LEU B 340 22.69 -1.74 -2.37
CA LEU B 340 22.92 -0.29 -2.27
C LEU B 340 24.31 0.05 -2.75
N LYS B 341 24.47 1.24 -3.34
CA LYS B 341 25.77 1.76 -3.68
C LYS B 341 25.93 3.12 -3.03
N ILE B 342 27.17 3.38 -2.64
CA ILE B 342 27.57 4.67 -2.10
C ILE B 342 28.47 5.36 -3.11
N TRP B 343 28.16 6.61 -3.44
CA TRP B 343 28.83 7.34 -4.49
C TRP B 343 29.37 8.69 -4.01
N ASN B 344 30.49 9.11 -4.60
CA ASN B 344 30.88 10.51 -4.60
C ASN B 344 32.05 10.74 -5.57
N ALA C 10 -21.48 21.27 3.46
CA ALA C 10 -20.81 20.71 4.66
C ALA C 10 -19.31 20.51 4.41
N GLN C 11 -18.98 19.62 3.45
CA GLN C 11 -17.61 19.49 2.97
C GLN C 11 -17.25 20.67 2.08
N ALA C 12 -18.28 21.28 1.46
CA ALA C 12 -18.10 22.45 0.60
C ALA C 12 -17.67 23.65 1.44
N ARG C 13 -18.40 23.92 2.52
CA ARG C 13 -18.01 24.95 3.49
C ARG C 13 -16.57 24.71 3.97
N LYS C 14 -16.21 23.42 4.17
CA LYS C 14 -14.90 23.06 4.68
C LYS C 14 -13.82 23.46 3.67
N LEU C 15 -14.08 23.23 2.38
CA LEU C 15 -13.14 23.58 1.33
C LEU C 15 -13.03 25.10 1.15
N VAL C 16 -14.12 25.82 1.37
CA VAL C 16 -14.09 27.27 1.20
C VAL C 16 -13.20 27.88 2.27
N GLU C 17 -13.29 27.37 3.50
CA GLU C 17 -12.44 27.83 4.59
C GLU C 17 -10.98 27.51 4.30
N GLN C 18 -10.73 26.32 3.73
CA GLN C 18 -9.38 25.90 3.42
C GLN C 18 -8.80 26.84 2.35
N LEU C 19 -9.58 27.13 1.30
CA LEU C 19 -9.15 28.04 0.26
C LEU C 19 -8.97 29.46 0.79
N LYS C 20 -9.87 29.91 1.69
CA LYS C 20 -9.69 31.20 2.33
C LYS C 20 -8.29 31.24 2.95
N MET C 21 -7.93 30.19 3.70
CA MET C 21 -6.67 30.13 4.45
C MET C 21 -5.47 30.16 3.51
N GLU C 22 -5.61 29.54 2.34
CA GLU C 22 -4.49 29.43 1.41
C GLU C 22 -4.30 30.75 0.68
N ALA C 23 -5.38 31.48 0.50
CA ALA C 23 -5.32 32.71 -0.28
C ALA C 23 -4.73 33.85 0.53
N ASN C 24 -5.02 33.89 1.84
CA ASN C 24 -4.65 35.05 2.65
C ASN C 24 -3.28 34.82 3.25
N ILE C 25 -2.28 34.79 2.37
CA ILE C 25 -0.88 34.71 2.75
C ILE C 25 -0.12 35.79 1.99
N ASP C 26 1.03 36.15 2.54
CA ASP C 26 1.88 37.15 1.93
C ASP C 26 2.83 36.42 1.02
N ARG C 27 2.91 36.92 -0.21
CA ARG C 27 3.76 36.28 -1.18
C ARG C 27 4.86 37.25 -1.54
N ILE C 28 6.02 36.71 -1.90
CA ILE C 28 7.12 37.51 -2.41
C ILE C 28 7.23 37.31 -3.92
N LYS C 29 7.95 38.25 -4.55
CA LYS C 29 8.27 38.16 -5.97
C LYS C 29 9.11 36.91 -6.23
N VAL C 30 8.82 36.22 -7.34
CA VAL C 30 9.67 35.13 -7.79
C VAL C 30 11.11 35.64 -7.94
N SER C 31 11.29 36.89 -8.41
CA SER C 31 12.63 37.44 -8.59
C SER C 31 13.42 37.36 -7.27
N LYS C 32 12.74 37.66 -6.16
N LYS C 32 12.73 37.64 -6.16
CA LYS C 32 13.38 37.67 -4.85
CA LYS C 32 13.36 37.67 -4.86
C LYS C 32 13.59 36.24 -4.36
C LYS C 32 13.59 36.24 -4.36
N ALA C 33 12.58 35.38 -4.57
CA ALA C 33 12.67 34.00 -4.14
C ALA C 33 13.83 33.33 -4.88
N ALA C 34 13.96 33.64 -6.17
CA ALA C 34 15.03 33.08 -6.99
C ALA C 34 16.39 33.59 -6.56
N ALA C 35 16.50 34.91 -6.33
CA ALA C 35 17.73 35.51 -5.83
C ALA C 35 18.17 34.83 -4.54
N ASP C 36 17.21 34.53 -3.66
CA ASP C 36 17.49 33.97 -2.34
C ASP C 36 18.05 32.55 -2.49
N LEU C 37 17.45 31.75 -3.41
CA LEU C 37 17.92 30.40 -3.64
C LEU C 37 19.33 30.42 -4.23
N MET C 38 19.55 31.28 -5.22
CA MET C 38 20.86 31.41 -5.84
C MET C 38 21.91 31.82 -4.81
N ALA C 39 21.57 32.77 -3.92
CA ALA C 39 22.52 33.25 -2.92
C ALA C 39 22.88 32.13 -1.94
N TYR C 40 21.89 31.31 -1.55
CA TYR C 40 22.12 30.19 -0.64
C TYR C 40 23.11 29.22 -1.28
N CYS C 41 22.83 28.84 -2.53
CA CYS C 41 23.73 27.94 -3.23
C CYS C 41 25.15 28.52 -3.23
N GLU C 42 25.28 29.79 -3.61
CA GLU C 42 26.59 30.42 -3.70
C GLU C 42 27.29 30.44 -2.34
N ALA C 43 26.54 30.67 -1.25
CA ALA C 43 27.12 30.82 0.08
C ALA C 43 27.61 29.47 0.61
N HIS C 44 27.05 28.37 0.10
CA HIS C 44 27.37 27.04 0.62
C HIS C 44 28.07 26.16 -0.43
N ALA C 45 28.45 26.71 -1.58
CA ALA C 45 29.06 25.91 -2.64
C ALA C 45 30.32 25.21 -2.14
N LYS C 46 31.15 25.93 -1.36
CA LYS C 46 32.46 25.44 -0.96
C LYS C 46 32.31 24.25 -0.03
N GLU C 47 31.21 24.18 0.71
CA GLU C 47 30.97 23.14 1.70
C GLU C 47 30.29 21.89 1.12
N ASP C 48 29.97 21.91 -0.19
CA ASP C 48 29.26 20.81 -0.83
C ASP C 48 30.24 19.87 -1.52
N PRO C 49 30.58 18.70 -0.92
CA PRO C 49 31.51 17.78 -1.55
C PRO C 49 31.07 17.10 -2.86
N LEU C 50 29.78 17.17 -3.20
CA LEU C 50 29.27 16.53 -4.41
C LEU C 50 29.41 17.49 -5.59
N LEU C 51 29.45 18.80 -5.28
CA LEU C 51 29.54 19.82 -6.29
C LEU C 51 31.01 20.07 -6.57
N THR C 52 31.76 20.29 -5.48
CA THR C 52 33.18 20.58 -5.51
C THR C 52 33.91 19.43 -4.82
N PRO C 53 34.32 18.36 -5.56
CA PRO C 53 34.93 17.17 -4.94
C PRO C 53 36.14 17.52 -4.06
N VAL C 54 36.26 16.83 -2.91
CA VAL C 54 37.30 17.14 -1.93
C VAL C 54 38.50 16.24 -2.21
N PRO C 55 39.67 16.53 -1.61
CA PRO C 55 40.84 15.67 -1.75
C PRO C 55 40.60 14.24 -1.28
N ALA C 56 41.29 13.28 -1.90
CA ALA C 56 41.12 11.87 -1.56
C ALA C 56 41.36 11.66 -0.05
N SER C 57 42.31 12.42 0.52
CA SER C 57 42.67 12.30 1.91
C SER C 57 41.56 12.82 2.84
N GLU C 58 40.62 13.61 2.32
CA GLU C 58 39.49 14.11 3.10
C GLU C 58 38.20 13.36 2.82
N ASN C 59 38.28 12.28 2.04
CA ASN C 59 37.08 11.56 1.60
C ASN C 59 37.02 10.26 2.36
N PRO C 60 36.10 10.07 3.33
CA PRO C 60 36.11 8.83 4.13
C PRO C 60 35.91 7.57 3.29
N PHE C 61 35.28 7.74 2.11
CA PHE C 61 35.02 6.65 1.19
C PHE C 61 36.21 6.38 0.25
N ARG C 62 37.32 7.07 0.45
CA ARG C 62 38.55 6.72 -0.25
C ARG C 62 39.69 6.43 0.70
N GLU C 63 39.49 6.61 2.01
CA GLU C 63 40.57 6.46 2.97
C GLU C 63 40.79 4.97 3.29
N LYS C 64 42.05 4.54 3.16
CA LYS C 64 42.43 3.15 3.31
C LYS C 64 42.12 2.65 4.74
N LYS C 65 42.01 3.57 5.73
CA LYS C 65 41.85 3.19 7.13
C LYS C 65 40.48 2.53 7.38
N PHE C 66 39.52 2.69 6.47
CA PHE C 66 38.18 2.12 6.64
C PHE C 66 37.98 0.92 5.72
N PHE C 67 38.42 1.05 4.47
CA PHE C 67 38.21 -0.02 3.51
C PHE C 67 39.40 -0.04 2.53
#